data_6JYS
#
_entry.id   6JYS
#
_cell.length_a   60.728
_cell.length_b   99.695
_cell.length_c   221.824
_cell.angle_alpha   90.000
_cell.angle_beta   90.000
_cell.angle_gamma   90.000
#
_symmetry.space_group_name_H-M   'P 21 21 21'
#
loop_
_entity.id
_entity.type
_entity.pdbx_description
1 polymer 'human norovirus P protein'
2 branched beta-D-galactopyranose-(1-3)-2-acetamido-2-deoxy-alpha-D-galactopyranose
3 branched beta-D-galactopyranose-(1-3)-[2-acetamido-2-deoxy-beta-D-glucopyranose-(1-6)]2-acetamido-2-deoxy-alpha-D-galactopyranose
4 non-polymer THREONINE
5 water water
#
_entity_poly.entity_id   1
_entity_poly.type   'polypeptide(L)'
_entity_poly.pdbx_seq_one_letter_code
;TKSFTLPILTISEMTNSRFPIPIEQLYTAPNETNVVQCQNGRCTLDGELQGTTQLLSSAICSYRGRTLANNDSWDQNLLQ
LSYPNGASYDPTDEVPAPLGTQDFSGILYGVLTQDNVTEGTGEAKNAKGIYISTTSGKFTPKIGSIGLHSITGDVHHNQQ
SRFTPVGIAVNENTPFKQWVLPHYSGSLALNTNLAPAVAPTFPGEQLLFFRSRVPCVQGLHGQDAFIDCLLPQEWVNHFY
QEAAPSQTDVALIRFVNPDTGRTLFEAKLHRSGFITVSHTGNYPLVIPPNGHFRFDSWVNQFYSLAPM
;
_entity_poly.pdbx_strand_id   A,B,C,D
#
# COMPACT_ATOMS: atom_id res chain seq x y z
N THR A 1 -8.78 4.78 14.91
CA THR A 1 -9.65 4.99 13.76
C THR A 1 -8.86 4.92 12.46
N LYS A 2 -9.34 4.13 11.50
CA LYS A 2 -8.74 4.09 10.18
C LYS A 2 -9.02 5.41 9.45
N SER A 3 -7.98 6.00 8.89
CA SER A 3 -8.10 7.35 8.33
C SER A 3 -8.76 7.33 6.97
N PHE A 4 -9.64 8.31 6.75
CA PHE A 4 -10.31 8.48 5.46
C PHE A 4 -9.36 9.12 4.46
N THR A 5 -9.38 8.62 3.22
CA THR A 5 -8.50 9.12 2.18
C THR A 5 -9.26 9.17 0.86
N LEU A 6 -8.71 9.94 -0.08
CA LEU A 6 -9.15 9.96 -1.46
C LEU A 6 -8.03 9.45 -2.36
N PRO A 7 -8.37 8.78 -3.47
CA PRO A 7 -7.35 8.46 -4.46
C PRO A 7 -6.83 9.73 -5.11
N ILE A 8 -5.56 9.70 -5.51
CA ILE A 8 -4.92 10.84 -6.16
C ILE A 8 -5.11 10.67 -7.66
N LEU A 9 -6.09 11.37 -8.22
CA LEU A 9 -6.41 11.26 -9.63
C LEU A 9 -6.84 12.63 -10.15
N THR A 10 -6.38 12.96 -11.37
CA THR A 10 -6.98 14.07 -12.09
C THR A 10 -8.35 13.64 -12.63
N ILE A 11 -9.15 14.63 -13.05
CA ILE A 11 -10.50 14.28 -13.46
C ILE A 11 -10.50 13.49 -14.77
N SER A 12 -9.47 13.67 -15.61
CA SER A 12 -9.38 12.85 -16.80
C SER A 12 -8.92 11.42 -16.49
N GLU A 13 -8.53 11.15 -15.24
CA GLU A 13 -8.26 9.80 -14.77
C GLU A 13 -9.44 9.22 -13.98
N MET A 14 -10.64 9.75 -14.20
CA MET A 14 -11.85 9.31 -13.52
C MET A 14 -12.86 8.80 -14.53
N THR A 15 -13.71 7.89 -14.07
CA THR A 15 -14.77 7.31 -14.89
C THR A 15 -16.13 7.74 -14.36
N ASN A 16 -17.03 8.08 -15.26
CA ASN A 16 -18.41 8.35 -14.87
C ASN A 16 -19.03 7.09 -14.27
N SER A 17 -19.73 7.26 -13.16
CA SER A 17 -20.34 6.13 -12.46
C SER A 17 -21.74 5.82 -12.95
N ARG A 18 -22.26 6.59 -13.91
CA ARG A 18 -23.58 6.35 -14.47
C ARG A 18 -23.54 5.96 -15.95
N PHE A 19 -22.36 5.99 -16.58
CA PHE A 19 -22.20 5.53 -17.95
C PHE A 19 -20.72 5.26 -18.16
N PRO A 20 -20.35 4.18 -18.86
CA PRO A 20 -18.92 3.82 -18.96
C PRO A 20 -18.12 4.73 -19.90
N ILE A 21 -17.89 5.97 -19.49
CA ILE A 21 -17.05 6.91 -20.22
C ILE A 21 -16.28 7.76 -19.22
N PRO A 22 -15.12 8.28 -19.63
CA PRO A 22 -14.33 9.11 -18.70
C PRO A 22 -15.02 10.41 -18.34
N ILE A 23 -14.65 10.94 -17.19
CA ILE A 23 -15.10 12.26 -16.77
C ILE A 23 -14.41 13.31 -17.63
N GLU A 24 -15.15 14.36 -17.99
CA GLU A 24 -14.61 15.47 -18.78
C GLU A 24 -14.58 16.78 -18.03
N GLN A 25 -15.60 17.08 -17.23
CA GLN A 25 -15.72 18.37 -16.57
C GLN A 25 -16.25 18.20 -15.16
N LEU A 26 -16.10 19.26 -14.37
CA LEU A 26 -16.83 19.44 -13.13
C LEU A 26 -17.88 20.53 -13.35
N TYR A 27 -19.08 20.31 -12.81
CA TYR A 27 -20.21 21.17 -13.13
C TYR A 27 -21.10 21.30 -11.91
N THR A 28 -21.53 22.53 -11.62
CA THR A 28 -22.46 22.79 -10.53
C THR A 28 -23.67 23.54 -11.08
N ALA A 29 -24.81 23.33 -10.42
CA ALA A 29 -26.08 23.91 -10.84
C ALA A 29 -27.13 23.71 -9.76
N PRO A 30 -28.13 24.59 -9.67
CA PRO A 30 -29.24 24.35 -8.75
C PRO A 30 -30.12 23.21 -9.23
N ASN A 31 -30.86 22.62 -8.29
CA ASN A 31 -31.64 21.41 -8.53
C ASN A 31 -32.93 21.63 -9.32
N GLU A 32 -33.15 22.81 -9.90
CA GLU A 32 -34.44 23.50 -9.76
C GLU A 32 -35.67 22.61 -9.63
N THR A 33 -36.01 21.85 -10.67
CA THR A 33 -37.13 20.92 -10.60
C THR A 33 -36.68 19.48 -10.67
N ASN A 34 -35.39 19.25 -10.92
CA ASN A 34 -34.85 17.91 -10.94
C ASN A 34 -34.84 17.32 -9.54
N VAL A 35 -35.32 16.09 -9.43
CA VAL A 35 -35.10 15.28 -8.24
C VAL A 35 -33.83 14.47 -8.49
N VAL A 36 -32.75 14.81 -7.79
CA VAL A 36 -31.47 14.14 -7.99
C VAL A 36 -31.46 12.86 -7.18
N GLN A 37 -31.82 11.75 -7.82
CA GLN A 37 -31.91 10.45 -7.15
C GLN A 37 -31.35 9.35 -8.05
N CYS A 38 -30.21 9.59 -8.66
CA CYS A 38 -29.60 8.54 -9.46
C CYS A 38 -29.24 7.35 -8.58
N GLN A 39 -29.24 6.16 -9.19
CA GLN A 39 -29.05 4.92 -8.45
C GLN A 39 -27.71 4.26 -8.70
N ASN A 40 -26.99 4.66 -9.75
CA ASN A 40 -25.63 4.24 -9.95
C ASN A 40 -24.68 5.33 -9.43
N GLY A 41 -23.50 4.90 -9.00
CA GLY A 41 -22.57 5.83 -8.40
C GLY A 41 -22.99 6.30 -7.02
N ARG A 42 -23.65 5.44 -6.25
CA ARG A 42 -24.11 5.77 -4.91
C ARG A 42 -23.35 4.92 -3.90
N CYS A 43 -22.62 5.58 -3.01
CA CYS A 43 -21.80 4.91 -2.02
C CYS A 43 -21.51 5.88 -0.89
N THR A 44 -21.67 5.44 0.35
CA THR A 44 -21.33 6.28 1.48
C THR A 44 -19.82 6.37 1.64
N LEU A 45 -19.39 7.37 2.41
CA LEU A 45 -17.95 7.56 2.61
C LEU A 45 -17.32 6.40 3.38
N ASP A 46 -18.09 5.62 4.13
CA ASP A 46 -17.55 4.47 4.84
C ASP A 46 -17.74 3.17 4.08
N GLY A 47 -18.07 3.24 2.79
CA GLY A 47 -17.97 2.10 1.91
C GLY A 47 -19.21 1.27 1.71
N GLU A 48 -20.40 1.85 1.90
CA GLU A 48 -21.66 1.12 1.76
C GLU A 48 -22.29 1.48 0.42
N LEU A 49 -22.36 0.49 -0.47
CA LEU A 49 -23.00 0.70 -1.76
C LEU A 49 -24.51 0.80 -1.61
N GLN A 50 -25.12 1.64 -2.46
CA GLN A 50 -26.56 1.88 -2.42
C GLN A 50 -27.14 1.78 -3.83
N GLY A 51 -28.46 1.68 -3.88
CA GLY A 51 -29.14 1.69 -5.17
C GLY A 51 -28.80 0.48 -6.00
N THR A 52 -28.47 0.72 -7.27
CA THR A 52 -28.04 -0.33 -8.19
C THR A 52 -26.53 -0.31 -8.40
N THR A 53 -25.78 0.29 -7.48
CA THR A 53 -24.37 0.52 -7.68
C THR A 53 -23.56 -0.76 -7.46
N GLN A 54 -22.69 -1.07 -8.41
CA GLN A 54 -21.70 -2.12 -8.25
C GLN A 54 -20.34 -1.56 -8.60
N LEU A 55 -19.32 -2.40 -8.68
CA LEU A 55 -17.95 -1.91 -8.68
C LEU A 55 -17.32 -1.75 -10.06
N LEU A 56 -17.90 -2.33 -11.11
CA LEU A 56 -17.27 -2.36 -12.42
C LEU A 56 -17.91 -1.32 -13.33
N SER A 57 -17.10 -0.38 -13.83
CA SER A 57 -17.60 0.57 -14.81
C SER A 57 -18.03 -0.14 -16.09
N SER A 58 -17.38 -1.26 -16.41
CA SER A 58 -17.74 -2.05 -17.59
CA SER A 58 -17.74 -2.04 -17.59
C SER A 58 -19.04 -2.81 -17.43
N ALA A 59 -19.72 -2.68 -16.28
CA ALA A 59 -21.03 -3.26 -16.08
C ALA A 59 -22.14 -2.22 -16.02
N ILE A 60 -21.79 -0.93 -16.03
CA ILE A 60 -22.80 0.12 -15.99
C ILE A 60 -23.52 0.18 -17.32
N CYS A 61 -24.85 0.09 -17.28
CA CYS A 61 -25.71 0.09 -18.46
C CYS A 61 -25.44 -1.10 -19.38
N SER A 62 -24.81 -2.15 -18.87
N SER A 62 -24.82 -2.15 -18.86
CA SER A 62 -24.66 -3.39 -19.60
CA SER A 62 -24.64 -3.40 -19.57
C SER A 62 -25.68 -4.40 -19.09
C SER A 62 -25.67 -4.41 -19.08
N TYR A 63 -26.14 -5.26 -19.99
CA TYR A 63 -27.11 -6.29 -19.66
C TYR A 63 -26.65 -7.61 -20.26
N ARG A 64 -27.11 -8.70 -19.64
CA ARG A 64 -26.90 -10.03 -20.20
C ARG A 64 -28.06 -10.91 -19.78
N GLY A 65 -28.25 -11.97 -20.54
CA GLY A 65 -29.31 -12.91 -20.29
C GLY A 65 -29.69 -13.62 -21.58
N ARG A 66 -30.89 -14.18 -21.59
CA ARG A 66 -31.40 -14.91 -22.74
C ARG A 66 -32.50 -14.11 -23.43
N THR A 67 -32.42 -14.05 -24.75
CA THR A 67 -33.44 -13.39 -25.54
C THR A 67 -34.68 -14.27 -25.64
N LEU A 68 -35.82 -13.63 -25.93
CA LEU A 68 -37.03 -14.34 -26.29
C LEU A 68 -37.85 -13.46 -27.22
N ALA A 69 -38.39 -14.07 -28.27
CA ALA A 69 -39.17 -13.31 -29.22
C ALA A 69 -40.43 -12.75 -28.57
N ASN A 70 -40.84 -11.58 -29.05
CA ASN A 70 -41.97 -10.85 -28.48
C ASN A 70 -42.77 -10.26 -29.63
N ASN A 71 -44.09 -10.50 -29.62
CA ASN A 71 -44.95 -10.03 -30.70
C ASN A 71 -45.33 -8.59 -30.44
N ASP A 72 -44.42 -7.68 -30.79
CA ASP A 72 -44.64 -6.25 -30.64
C ASP A 72 -43.80 -5.52 -31.67
N SER A 73 -44.34 -4.44 -32.22
CA SER A 73 -43.65 -3.72 -33.28
C SER A 73 -42.45 -2.93 -32.78
N TRP A 74 -42.42 -2.55 -31.49
CA TRP A 74 -41.26 -1.88 -30.94
C TRP A 74 -40.29 -2.88 -30.31
N ASP A 75 -40.74 -3.61 -29.29
CA ASP A 75 -39.91 -4.59 -28.61
C ASP A 75 -40.11 -5.96 -29.26
N GLN A 76 -39.37 -6.19 -30.35
CA GLN A 76 -39.47 -7.47 -31.03
C GLN A 76 -38.88 -8.61 -30.23
N ASN A 77 -38.11 -8.31 -29.19
CA ASN A 77 -37.57 -9.34 -28.30
C ASN A 77 -37.51 -8.77 -26.90
N LEU A 78 -37.51 -9.66 -25.92
CA LEU A 78 -37.19 -9.34 -24.55
C LEU A 78 -35.84 -9.96 -24.20
N LEU A 79 -35.18 -9.35 -23.20
CA LEU A 79 -33.96 -9.92 -22.64
C LEU A 79 -34.27 -10.35 -21.21
N GLN A 80 -34.18 -11.65 -20.94
CA GLN A 80 -34.42 -12.21 -19.62
C GLN A 80 -33.11 -12.14 -18.85
N LEU A 81 -33.05 -11.26 -17.85
CA LEU A 81 -31.79 -10.77 -17.31
C LEU A 81 -31.18 -11.70 -16.28
N SER A 82 -29.85 -11.72 -16.25
CA SER A 82 -29.07 -12.12 -15.10
C SER A 82 -28.59 -10.87 -14.37
N TYR A 83 -27.84 -11.06 -13.29
CA TYR A 83 -26.99 -9.99 -12.81
C TYR A 83 -25.83 -9.82 -13.80
N PRO A 84 -25.22 -8.62 -13.87
CA PRO A 84 -24.14 -8.42 -14.85
C PRO A 84 -22.94 -9.34 -14.62
N ASN A 85 -22.74 -9.88 -13.42
CA ASN A 85 -21.69 -10.84 -13.19
C ASN A 85 -22.11 -12.27 -13.52
N GLY A 86 -23.29 -12.45 -14.13
CA GLY A 86 -23.77 -13.75 -14.51
C GLY A 86 -24.58 -14.49 -13.47
N ALA A 87 -24.59 -14.01 -12.23
CA ALA A 87 -25.36 -14.69 -11.18
C ALA A 87 -26.86 -14.54 -11.44
N SER A 88 -27.59 -15.63 -11.20
CA SER A 88 -29.05 -15.64 -11.32
C SER A 88 -29.65 -14.42 -10.66
N TYR A 89 -30.55 -13.75 -11.38
CA TYR A 89 -31.21 -12.57 -10.84
C TYR A 89 -32.45 -13.01 -10.08
N ASP A 90 -32.46 -12.72 -8.78
CA ASP A 90 -33.56 -13.04 -7.89
C ASP A 90 -34.36 -11.77 -7.66
N PRO A 91 -35.61 -11.68 -8.13
CA PRO A 91 -36.36 -10.42 -7.97
C PRO A 91 -36.68 -10.08 -6.53
N THR A 92 -36.53 -11.01 -5.60
CA THR A 92 -36.76 -10.72 -4.19
C THR A 92 -35.54 -10.11 -3.52
N ASP A 93 -34.43 -9.96 -4.23
CA ASP A 93 -33.27 -9.26 -3.69
C ASP A 93 -33.64 -7.82 -3.35
N GLU A 94 -33.03 -7.30 -2.29
CA GLU A 94 -33.31 -5.95 -1.82
C GLU A 94 -32.53 -4.91 -2.64
N VAL A 95 -32.85 -4.87 -3.93
CA VAL A 95 -32.24 -3.92 -4.87
C VAL A 95 -33.35 -3.30 -5.71
N PRO A 96 -33.17 -2.10 -6.25
CA PRO A 96 -34.19 -1.54 -7.15
C PRO A 96 -34.31 -2.31 -8.45
N ALA A 97 -33.23 -2.94 -8.90
CA ALA A 97 -33.11 -3.59 -10.19
C ALA A 97 -31.77 -4.31 -10.21
N PRO A 98 -31.48 -5.17 -11.19
CA PRO A 98 -30.13 -5.73 -11.29
C PRO A 98 -29.09 -4.62 -11.27
N LEU A 99 -27.99 -4.87 -10.55
CA LEU A 99 -26.96 -3.86 -10.41
C LEU A 99 -26.43 -3.44 -11.77
N GLY A 100 -26.20 -2.13 -11.93
CA GLY A 100 -25.76 -1.59 -13.19
C GLY A 100 -26.86 -1.18 -14.14
N THR A 101 -28.13 -1.47 -13.82
CA THR A 101 -29.24 -1.05 -14.66
C THR A 101 -29.22 0.45 -14.88
N GLN A 102 -29.57 0.89 -16.09
CA GLN A 102 -29.59 2.31 -16.40
C GLN A 102 -30.53 3.04 -15.43
N ASP A 103 -30.10 4.22 -14.99
CA ASP A 103 -30.88 5.00 -14.02
C ASP A 103 -31.35 6.33 -14.59
N PHE A 104 -31.40 6.45 -15.92
CA PHE A 104 -31.93 7.63 -16.59
C PHE A 104 -33.09 7.22 -17.48
N SER A 105 -34.02 8.14 -17.68
CA SER A 105 -35.18 7.88 -18.53
CA SER A 105 -35.18 7.89 -18.53
C SER A 105 -34.87 8.25 -19.97
N GLY A 106 -35.36 7.43 -20.90
CA GLY A 106 -35.10 7.66 -22.31
C GLY A 106 -34.64 6.40 -23.01
N ILE A 107 -33.90 6.55 -24.10
CA ILE A 107 -33.48 5.43 -24.94
C ILE A 107 -31.98 5.23 -24.77
N LEU A 108 -31.60 4.02 -24.38
CA LEU A 108 -30.21 3.60 -24.34
C LEU A 108 -29.91 2.79 -25.60
N TYR A 109 -28.84 3.15 -26.30
CA TYR A 109 -28.43 2.44 -27.51
C TYR A 109 -27.17 1.63 -27.24
N GLY A 110 -27.13 0.42 -27.80
CA GLY A 110 -25.94 -0.40 -27.72
C GLY A 110 -26.03 -1.56 -28.68
N VAL A 111 -25.09 -2.49 -28.53
CA VAL A 111 -24.94 -3.62 -29.44
C VAL A 111 -25.17 -4.91 -28.67
N LEU A 112 -26.05 -5.76 -29.20
CA LEU A 112 -26.30 -7.08 -28.65
C LEU A 112 -25.46 -8.11 -29.41
N THR A 113 -24.80 -9.00 -28.68
CA THR A 113 -24.08 -10.12 -29.26
C THR A 113 -24.65 -11.42 -28.69
N GLN A 114 -24.61 -12.47 -29.50
CA GLN A 114 -25.33 -13.71 -29.23
C GLN A 114 -24.39 -14.87 -29.56
N ASP A 115 -24.96 -16.06 -29.77
CA ASP A 115 -24.16 -17.20 -30.21
C ASP A 115 -23.33 -16.83 -31.44
N ASN A 116 -22.06 -17.22 -31.42
CA ASN A 116 -21.17 -16.92 -32.54
C ASN A 116 -21.68 -17.56 -33.82
N VAL A 117 -21.42 -16.89 -34.94
CA VAL A 117 -21.88 -17.34 -36.24
C VAL A 117 -20.67 -17.71 -37.10
N THR A 118 -20.93 -18.52 -38.12
CA THR A 118 -19.88 -18.89 -39.06
C THR A 118 -19.40 -17.65 -39.82
N GLU A 119 -18.15 -17.72 -40.29
CA GLU A 119 -17.58 -16.61 -41.05
C GLU A 119 -18.44 -16.27 -42.26
N GLY A 120 -18.93 -17.29 -42.97
CA GLY A 120 -19.73 -17.06 -44.16
C GLY A 120 -21.07 -16.38 -43.92
N THR A 121 -21.50 -16.27 -42.66
CA THR A 121 -22.75 -15.60 -42.37
C THR A 121 -22.68 -14.12 -42.75
N GLY A 122 -21.53 -13.49 -42.58
CA GLY A 122 -21.32 -12.13 -43.02
C GLY A 122 -20.66 -11.28 -41.94
N GLU A 123 -20.29 -10.07 -42.36
CA GLU A 123 -19.58 -9.16 -41.47
C GLU A 123 -20.50 -8.67 -40.36
N ALA A 124 -20.03 -8.79 -39.11
CA ALA A 124 -20.74 -8.30 -37.93
C ALA A 124 -22.17 -8.84 -37.86
N LYS A 125 -22.37 -10.08 -38.31
CA LYS A 125 -23.71 -10.67 -38.28
C LYS A 125 -24.08 -11.21 -36.90
N ASN A 126 -23.13 -11.26 -35.96
CA ASN A 126 -23.44 -11.49 -34.55
C ASN A 126 -23.43 -10.19 -33.76
N ALA A 127 -23.81 -9.08 -34.40
CA ALA A 127 -23.94 -7.79 -33.75
C ALA A 127 -25.27 -7.19 -34.15
N LYS A 128 -26.07 -6.79 -33.16
CA LYS A 128 -27.39 -6.22 -33.39
C LYS A 128 -27.47 -4.86 -32.71
N GLY A 129 -27.86 -3.84 -33.47
CA GLY A 129 -28.07 -2.52 -32.89
C GLY A 129 -29.42 -2.46 -32.20
N ILE A 130 -29.42 -2.01 -30.94
CA ILE A 130 -30.58 -2.15 -30.06
C ILE A 130 -30.90 -0.81 -29.40
N TYR A 131 -32.19 -0.48 -29.35
CA TYR A 131 -32.73 0.58 -28.51
C TYR A 131 -33.38 -0.06 -27.29
N ILE A 132 -32.97 0.37 -26.10
CA ILE A 132 -33.61 -0.04 -24.85
C ILE A 132 -34.26 1.21 -24.27
N SER A 133 -35.58 1.33 -24.41
CA SER A 133 -36.32 2.51 -23.95
C SER A 133 -36.98 2.23 -22.61
N THR A 134 -36.82 3.16 -21.66
CA THR A 134 -37.46 3.02 -20.36
C THR A 134 -38.93 3.39 -20.37
N THR A 135 -39.42 4.05 -21.43
CA THR A 135 -40.84 4.37 -21.53
C THR A 135 -41.64 3.23 -22.14
N SER A 136 -40.98 2.17 -22.60
CA SER A 136 -41.70 0.97 -23.03
C SER A 136 -42.29 0.25 -21.82
N GLY A 137 -43.49 -0.29 -22.00
CA GLY A 137 -44.08 -1.11 -20.95
C GLY A 137 -43.31 -2.39 -20.67
N LYS A 138 -42.36 -2.75 -21.53
CA LYS A 138 -41.55 -3.93 -21.33
C LYS A 138 -40.25 -3.65 -20.58
N PHE A 139 -40.01 -2.40 -20.17
CA PHE A 139 -38.84 -2.12 -19.34
C PHE A 139 -39.21 -2.41 -17.90
N THR A 140 -38.99 -3.66 -17.48
CA THR A 140 -39.27 -4.10 -16.10
C THR A 140 -38.10 -4.89 -15.55
N PRO A 141 -36.91 -4.27 -15.47
CA PRO A 141 -35.73 -5.05 -15.03
C PRO A 141 -35.86 -5.63 -13.63
N LYS A 142 -36.60 -4.97 -12.74
CA LYS A 142 -36.80 -5.51 -11.40
C LYS A 142 -37.57 -6.83 -11.45
N ILE A 143 -38.51 -6.96 -12.38
CA ILE A 143 -39.24 -8.20 -12.54
C ILE A 143 -38.37 -9.24 -13.23
N GLY A 144 -37.40 -8.80 -14.05
CA GLY A 144 -36.42 -9.70 -14.60
C GLY A 144 -36.23 -9.63 -16.10
N SER A 145 -36.79 -8.63 -16.76
CA SER A 145 -36.66 -8.56 -18.22
C SER A 145 -36.80 -7.12 -18.69
N ILE A 146 -36.21 -6.86 -19.86
CA ILE A 146 -36.32 -5.58 -20.53
C ILE A 146 -36.66 -5.82 -22.00
N GLY A 147 -37.21 -4.79 -22.63
CA GLY A 147 -37.56 -4.86 -24.05
C GLY A 147 -36.41 -4.38 -24.94
N LEU A 148 -36.20 -5.11 -26.03
CA LEU A 148 -35.15 -4.78 -27.00
C LEU A 148 -35.81 -4.39 -28.32
N HIS A 149 -35.56 -3.16 -28.76
CA HIS A 149 -35.99 -2.69 -30.08
C HIS A 149 -34.79 -2.79 -31.01
N SER A 150 -34.85 -3.71 -31.96
CA SER A 150 -33.73 -3.92 -32.88
C SER A 150 -33.82 -2.95 -34.06
N ILE A 151 -32.68 -2.38 -34.42
CA ILE A 151 -32.56 -1.47 -35.54
C ILE A 151 -31.81 -2.11 -36.70
N THR A 152 -30.65 -2.70 -36.41
CA THR A 152 -29.89 -3.45 -37.40
C THR A 152 -29.62 -4.85 -36.86
N GLY A 153 -29.68 -5.85 -37.74
CA GLY A 153 -29.39 -7.22 -37.37
C GLY A 153 -30.64 -7.99 -36.98
N ASP A 154 -30.46 -9.31 -36.92
CA ASP A 154 -31.54 -10.26 -36.64
C ASP A 154 -31.31 -10.86 -35.26
N VAL A 155 -32.13 -10.45 -34.28
CA VAL A 155 -32.01 -10.97 -32.93
C VAL A 155 -32.62 -12.36 -32.89
N HIS A 156 -31.83 -13.35 -32.47
CA HIS A 156 -32.25 -14.73 -32.45
C HIS A 156 -32.89 -15.09 -31.10
N HIS A 157 -33.75 -16.10 -31.14
CA HIS A 157 -34.56 -16.47 -29.99
C HIS A 157 -33.81 -17.45 -29.06
N ASN A 158 -33.92 -17.19 -27.76
CA ASN A 158 -33.43 -18.10 -26.71
C ASN A 158 -31.93 -18.37 -26.81
N GLN A 159 -31.16 -17.30 -26.94
CA GLN A 159 -29.71 -17.38 -26.95
C GLN A 159 -29.13 -16.52 -25.85
N GLN A 160 -28.10 -17.04 -25.17
CA GLN A 160 -27.38 -16.25 -24.17
C GLN A 160 -26.73 -15.05 -24.85
N SER A 161 -27.11 -13.85 -24.42
CA SER A 161 -26.76 -12.63 -25.13
C SER A 161 -26.18 -11.60 -24.17
N ARG A 162 -25.36 -10.71 -24.72
CA ARG A 162 -24.76 -9.61 -23.97
C ARG A 162 -25.06 -8.30 -24.69
N PHE A 163 -25.39 -7.27 -23.91
CA PHE A 163 -25.64 -5.94 -24.44
C PHE A 163 -24.52 -5.02 -23.98
N THR A 164 -23.84 -4.40 -24.95
CA THR A 164 -22.76 -3.45 -24.68
C THR A 164 -23.26 -2.04 -24.95
N PRO A 165 -23.29 -1.15 -23.96
CA PRO A 165 -23.81 0.20 -24.19
C PRO A 165 -22.85 1.05 -25.00
N VAL A 166 -23.42 1.92 -25.84
CA VAL A 166 -22.65 2.83 -26.68
C VAL A 166 -23.04 4.29 -26.40
N GLY A 167 -24.32 4.58 -26.33
CA GLY A 167 -24.76 5.92 -26.04
C GLY A 167 -26.25 5.97 -25.79
N ILE A 168 -26.82 7.16 -25.98
CA ILE A 168 -28.26 7.35 -25.84
C ILE A 168 -28.83 7.77 -27.19
N ALA A 169 -30.16 7.86 -27.24
CA ALA A 169 -30.85 8.27 -28.44
C ALA A 169 -32.11 9.04 -28.04
N VAL A 170 -32.49 9.98 -28.89
CA VAL A 170 -33.69 10.78 -28.71
C VAL A 170 -34.50 10.70 -30.00
N ASN A 171 -35.67 10.09 -29.94
CA ASN A 171 -36.56 10.10 -31.08
C ASN A 171 -37.69 11.11 -30.82
N GLU A 172 -38.70 11.11 -31.69
CA GLU A 172 -39.67 12.20 -31.72
C GLU A 172 -40.47 12.33 -30.43
N ASN A 173 -40.57 11.27 -29.62
CA ASN A 173 -41.41 11.33 -28.42
C ASN A 173 -40.73 10.75 -27.19
N THR A 174 -39.40 10.60 -27.20
CA THR A 174 -38.67 10.04 -26.05
C THR A 174 -37.45 10.91 -25.77
N PRO A 175 -37.62 12.00 -25.02
CA PRO A 175 -36.48 12.83 -24.64
C PRO A 175 -35.60 12.10 -23.64
N PHE A 176 -34.35 12.55 -23.57
CA PHE A 176 -33.37 12.03 -22.63
C PHE A 176 -33.44 12.86 -21.35
N LYS A 177 -33.88 12.22 -20.26
CA LYS A 177 -34.11 12.89 -18.97
C LYS A 177 -33.27 12.19 -17.92
N GLN A 178 -32.05 12.69 -17.69
CA GLN A 178 -31.10 11.98 -16.84
C GLN A 178 -31.49 11.97 -15.37
N TRP A 179 -32.42 12.83 -14.94
CA TRP A 179 -32.82 12.90 -13.54
C TRP A 179 -34.21 12.36 -13.30
N VAL A 180 -34.86 11.80 -14.30
CA VAL A 180 -36.13 11.11 -14.13
C VAL A 180 -35.83 9.62 -14.04
N LEU A 181 -36.01 9.06 -12.85
CA LEU A 181 -35.71 7.65 -12.65
C LEU A 181 -36.65 6.79 -13.49
N PRO A 182 -36.15 5.71 -14.08
CA PRO A 182 -37.04 4.73 -14.70
C PRO A 182 -37.93 4.08 -13.64
N HIS A 183 -39.04 3.53 -14.11
CA HIS A 183 -39.88 2.66 -13.27
C HIS A 183 -39.37 1.25 -13.46
N TYR A 184 -38.59 0.76 -12.49
CA TYR A 184 -37.89 -0.51 -12.65
C TYR A 184 -38.83 -1.70 -12.76
N SER A 185 -40.08 -1.55 -12.30
CA SER A 185 -41.09 -2.60 -12.45
C SER A 185 -42.19 -2.21 -13.41
N GLY A 186 -42.02 -1.12 -14.16
CA GLY A 186 -43.09 -0.64 -15.00
C GLY A 186 -44.23 -0.10 -14.16
N SER A 187 -45.45 -0.23 -14.69
CA SER A 187 -46.63 0.24 -13.98
C SER A 187 -47.13 -0.74 -12.92
N LEU A 188 -46.58 -1.95 -12.88
CA LEU A 188 -47.10 -2.96 -11.95
C LEU A 188 -46.77 -2.62 -10.50
N ALA A 189 -45.62 -1.98 -10.25
CA ALA A 189 -45.20 -1.69 -8.88
C ALA A 189 -44.27 -0.48 -8.89
N LEU A 190 -44.24 0.22 -7.76
CA LEU A 190 -43.37 1.37 -7.60
C LEU A 190 -41.94 0.92 -7.33
N ASN A 191 -41.01 1.87 -7.48
CA ASN A 191 -39.61 1.58 -7.23
C ASN A 191 -39.36 1.26 -5.76
N THR A 192 -38.40 0.38 -5.52
CA THR A 192 -38.05 -0.07 -4.18
C THR A 192 -36.55 0.06 -3.95
N ASN A 193 -36.16 0.08 -2.68
CA ASN A 193 -34.76 -0.01 -2.27
C ASN A 193 -33.89 1.11 -2.84
N LEU A 194 -34.47 2.29 -3.03
CA LEU A 194 -33.77 3.38 -3.70
C LEU A 194 -32.75 4.04 -2.78
N ALA A 195 -31.59 4.38 -3.34
CA ALA A 195 -30.73 5.33 -2.69
C ALA A 195 -31.46 6.67 -2.59
N PRO A 196 -31.32 7.40 -1.49
CA PRO A 196 -32.16 8.59 -1.29
C PRO A 196 -31.82 9.71 -2.26
N ALA A 197 -32.79 10.57 -2.48
CA ALA A 197 -32.55 11.80 -3.22
C ALA A 197 -31.67 12.73 -2.41
N VAL A 198 -30.90 13.55 -3.12
CA VAL A 198 -29.96 14.46 -2.48
C VAL A 198 -30.22 15.88 -2.95
N ALA A 199 -29.92 16.84 -2.07
CA ALA A 199 -30.11 18.26 -2.36
C ALA A 199 -29.29 19.06 -1.38
N PRO A 200 -28.84 20.26 -1.76
CA PRO A 200 -28.12 21.10 -0.81
C PRO A 200 -29.08 21.66 0.24
N THR A 201 -28.65 21.63 1.49
CA THR A 201 -29.43 22.17 2.59
C THR A 201 -28.87 23.46 3.16
N PHE A 202 -27.57 23.70 3.01
CA PHE A 202 -26.91 24.88 3.51
C PHE A 202 -27.16 26.06 2.57
N PRO A 203 -27.44 27.25 3.11
CA PRO A 203 -27.72 28.41 2.25
C PRO A 203 -26.53 28.75 1.36
N GLY A 204 -26.81 28.95 0.07
CA GLY A 204 -25.80 29.31 -0.90
C GLY A 204 -25.07 28.15 -1.53
N GLU A 205 -25.43 26.92 -1.20
CA GLU A 205 -24.72 25.74 -1.70
C GLU A 205 -25.47 25.07 -2.83
N GLN A 206 -24.72 24.41 -3.71
CA GLN A 206 -25.27 23.63 -4.81
C GLN A 206 -24.49 22.32 -4.92
N LEU A 207 -25.12 21.33 -5.54
CA LEU A 207 -24.44 20.09 -5.81
C LEU A 207 -23.32 20.30 -6.83
N LEU A 208 -22.25 19.53 -6.69
CA LEU A 208 -21.16 19.50 -7.66
C LEU A 208 -21.17 18.14 -8.36
N PHE A 209 -21.19 18.15 -9.68
CA PHE A 209 -21.30 16.94 -10.47
C PHE A 209 -20.01 16.65 -11.22
N PHE A 210 -19.77 15.37 -11.45
CA PHE A 210 -18.73 14.91 -12.36
C PHE A 210 -19.41 14.63 -13.70
N ARG A 211 -19.03 15.38 -14.73
CA ARG A 211 -19.82 15.51 -15.95
C ARG A 211 -19.11 14.86 -17.13
N SER A 212 -19.86 14.12 -17.94
CA SER A 212 -19.37 13.54 -19.18
C SER A 212 -20.38 13.79 -20.29
N ARG A 213 -19.90 13.79 -21.52
CA ARG A 213 -20.73 13.87 -22.71
C ARG A 213 -20.95 12.46 -23.23
N VAL A 214 -22.21 12.02 -23.26
CA VAL A 214 -22.52 10.67 -23.73
C VAL A 214 -22.82 10.73 -25.22
N PRO A 215 -22.30 9.80 -26.02
CA PRO A 215 -22.64 9.80 -27.45
C PRO A 215 -24.14 9.67 -27.66
N CYS A 216 -24.64 10.37 -28.67
CA CYS A 216 -26.06 10.36 -29.01
C CYS A 216 -26.22 9.93 -30.45
N VAL A 217 -26.85 8.77 -30.67
CA VAL A 217 -26.92 8.18 -32.01
C VAL A 217 -28.16 8.63 -32.78
N GLN A 218 -29.04 9.42 -32.17
CA GLN A 218 -30.19 9.97 -32.88
C GLN A 218 -30.70 11.19 -32.11
N GLY A 219 -30.86 12.31 -32.80
CA GLY A 219 -31.39 13.50 -32.17
C GLY A 219 -30.32 14.34 -31.50
N LEU A 220 -30.80 15.36 -30.79
CA LEU A 220 -29.94 16.33 -30.11
C LEU A 220 -28.95 16.97 -31.09
N HIS A 221 -29.44 17.32 -32.28
CA HIS A 221 -28.62 18.00 -33.26
C HIS A 221 -28.14 19.34 -32.72
N GLY A 222 -26.84 19.59 -32.84
CA GLY A 222 -26.26 20.82 -32.34
C GLY A 222 -26.27 20.98 -30.83
N GLN A 223 -26.62 19.93 -30.10
CA GLN A 223 -26.65 19.96 -28.64
C GLN A 223 -25.79 18.83 -28.09
N ASP A 224 -25.35 19.00 -26.85
CA ASP A 224 -24.56 17.99 -26.16
C ASP A 224 -25.44 17.23 -25.19
N ALA A 225 -25.23 15.91 -25.13
CA ALA A 225 -25.91 15.06 -24.17
C ALA A 225 -25.00 14.85 -22.97
N PHE A 226 -25.41 15.34 -21.81
CA PHE A 226 -24.62 15.28 -20.60
C PHE A 226 -25.16 14.20 -19.66
N ILE A 227 -24.24 13.45 -19.04
CA ILE A 227 -24.57 12.56 -17.94
C ILE A 227 -23.73 12.98 -16.73
N ASP A 228 -24.41 13.34 -15.65
CA ASP A 228 -23.77 13.88 -14.46
C ASP A 228 -23.90 12.88 -13.32
N CYS A 229 -22.79 12.59 -12.64
CA CYS A 229 -22.81 11.67 -11.52
C CYS A 229 -22.31 12.37 -10.26
N LEU A 230 -22.68 11.80 -9.10
CA LEU A 230 -22.33 12.40 -7.82
C LEU A 230 -20.92 12.03 -7.37
N LEU A 231 -20.44 10.86 -7.77
CA LEU A 231 -19.12 10.37 -7.43
C LEU A 231 -18.55 9.66 -8.65
N PRO A 232 -17.26 9.83 -8.93
CA PRO A 232 -16.63 8.99 -9.95
C PRO A 232 -16.58 7.54 -9.48
N GLN A 233 -16.57 6.62 -10.44
CA GLN A 233 -16.54 5.20 -10.08
C GLN A 233 -15.32 4.86 -9.24
N GLU A 234 -14.21 5.57 -9.45
CA GLU A 234 -12.99 5.29 -8.69
C GLU A 234 -13.19 5.63 -7.20
N TRP A 235 -14.02 6.61 -6.89
CA TRP A 235 -14.29 6.92 -5.48
C TRP A 235 -15.21 5.88 -4.86
N VAL A 236 -16.21 5.42 -5.61
CA VAL A 236 -17.04 4.30 -5.16
C VAL A 236 -16.17 3.13 -4.76
N ASN A 237 -15.27 2.73 -5.67
CA ASN A 237 -14.41 1.58 -5.41
C ASN A 237 -13.48 1.83 -4.22
N HIS A 238 -12.94 3.04 -4.13
CA HIS A 238 -12.00 3.36 -3.05
C HIS A 238 -12.69 3.30 -1.69
N PHE A 239 -13.86 3.90 -1.57
CA PHE A 239 -14.57 3.88 -0.29
C PHE A 239 -14.99 2.46 0.07
N TYR A 240 -15.45 1.68 -0.90
CA TYR A 240 -15.79 0.28 -0.64
C TYR A 240 -14.59 -0.49 -0.11
N GLN A 241 -13.42 -0.27 -0.70
CA GLN A 241 -12.21 -0.96 -0.27
C GLN A 241 -11.77 -0.51 1.12
N GLU A 242 -11.71 0.80 1.34
CA GLU A 242 -11.14 1.33 2.57
C GLU A 242 -12.07 1.16 3.76
N ALA A 243 -13.37 1.44 3.57
CA ALA A 243 -14.36 1.36 4.65
C ALA A 243 -13.89 2.14 5.88
N ALA A 244 -13.32 3.31 5.65
CA ALA A 244 -12.86 4.15 6.76
C ALA A 244 -14.06 4.71 7.49
N PRO A 245 -14.09 4.67 8.83
CA PRO A 245 -15.25 5.21 9.55
C PRO A 245 -15.36 6.71 9.35
N SER A 246 -16.59 7.16 9.12
CA SER A 246 -16.86 8.58 8.96
C SER A 246 -16.92 9.24 10.33
N GLN A 247 -16.02 10.21 10.57
CA GLN A 247 -15.92 10.81 11.90
C GLN A 247 -16.99 11.87 12.12
N THR A 248 -17.44 12.55 11.06
CA THR A 248 -18.58 13.45 11.12
C THR A 248 -19.45 13.19 9.89
N ASP A 249 -20.47 14.01 9.71
CA ASP A 249 -21.33 13.89 8.54
C ASP A 249 -20.75 14.56 7.30
N VAL A 250 -19.70 15.37 7.44
CA VAL A 250 -19.16 16.16 6.33
C VAL A 250 -17.65 16.07 6.35
N ALA A 251 -17.06 15.74 5.21
CA ALA A 251 -15.61 15.77 5.01
C ALA A 251 -15.26 16.97 4.18
N LEU A 252 -14.42 17.86 4.72
CA LEU A 252 -13.95 19.02 3.98
C LEU A 252 -12.87 18.58 3.00
N ILE A 253 -13.08 18.86 1.71
CA ILE A 253 -12.11 18.54 0.68
C ILE A 253 -11.78 19.83 -0.06
N ARG A 254 -10.67 19.78 -0.79
CA ARG A 254 -10.25 20.92 -1.60
C ARG A 254 -9.67 20.42 -2.91
N PHE A 255 -9.90 21.20 -3.97
CA PHE A 255 -9.36 20.93 -5.29
C PHE A 255 -8.16 21.86 -5.49
N VAL A 256 -6.98 21.27 -5.65
CA VAL A 256 -5.74 22.04 -5.62
C VAL A 256 -5.01 21.92 -6.95
N ASN A 257 -4.22 22.95 -7.25
CA ASN A 257 -3.21 22.88 -8.30
C ASN A 257 -1.94 22.36 -7.65
N PRO A 258 -1.50 21.14 -7.95
CA PRO A 258 -0.35 20.58 -7.24
C PRO A 258 0.96 21.32 -7.49
N ASP A 259 1.08 22.05 -8.60
CA ASP A 259 2.30 22.80 -8.88
C ASP A 259 2.43 24.00 -7.96
N THR A 260 1.38 24.83 -7.89
CA THR A 260 1.40 26.03 -7.08
C THR A 260 0.90 25.81 -5.65
N GLY A 261 0.22 24.70 -5.40
CA GLY A 261 -0.40 24.47 -4.12
C GLY A 261 -1.67 25.25 -3.88
N ARG A 262 -2.14 26.01 -4.88
CA ARG A 262 -3.30 26.87 -4.69
C ARG A 262 -4.57 26.03 -4.58
N THR A 263 -5.41 26.36 -3.59
CA THR A 263 -6.74 25.78 -3.50
C THR A 263 -7.65 26.50 -4.51
N LEU A 264 -8.05 25.78 -5.56
CA LEU A 264 -8.92 26.37 -6.55
C LEU A 264 -10.34 26.55 -6.02
N PHE A 265 -10.78 25.60 -5.18
CA PHE A 265 -12.03 25.73 -4.44
C PHE A 265 -12.06 24.66 -3.37
N GLU A 266 -12.84 24.91 -2.32
CA GLU A 266 -13.11 23.91 -1.30
C GLU A 266 -14.55 23.44 -1.42
N ALA A 267 -14.80 22.24 -0.90
CA ALA A 267 -16.10 21.61 -1.08
C ALA A 267 -16.41 20.71 0.10
N LYS A 268 -17.70 20.43 0.28
CA LYS A 268 -18.17 19.51 1.30
C LYS A 268 -18.44 18.16 0.67
N LEU A 269 -17.76 17.13 1.14
CA LEU A 269 -18.02 15.75 0.75
C LEU A 269 -18.89 15.12 1.83
N HIS A 270 -20.17 14.95 1.54
CA HIS A 270 -21.12 14.51 2.54
C HIS A 270 -21.04 13.00 2.77
N ARG A 271 -21.35 12.60 4.01
CA ARG A 271 -21.21 11.21 4.42
C ARG A 271 -22.00 10.25 3.51
N SER A 272 -23.15 10.69 3.01
CA SER A 272 -23.96 9.83 2.15
C SER A 272 -23.43 9.76 0.73
N GLY A 273 -22.35 10.47 0.41
CA GLY A 273 -21.70 10.30 -0.88
C GLY A 273 -22.09 11.28 -1.97
N PHE A 274 -21.99 12.58 -1.69
CA PHE A 274 -22.15 13.61 -2.71
C PHE A 274 -21.42 14.87 -2.25
N ILE A 275 -21.24 15.81 -3.19
CA ILE A 275 -20.42 16.99 -2.97
C ILE A 275 -21.29 18.23 -3.14
N THR A 276 -21.07 19.22 -2.27
CA THR A 276 -21.67 20.54 -2.45
C THR A 276 -20.57 21.60 -2.44
N VAL A 277 -20.83 22.70 -3.15
CA VAL A 277 -19.94 23.85 -3.23
C VAL A 277 -20.77 25.11 -3.01
N SER A 278 -20.07 26.21 -2.71
CA SER A 278 -20.73 27.50 -2.50
C SER A 278 -20.75 28.25 -3.82
N HIS A 279 -21.90 28.25 -4.49
CA HIS A 279 -22.06 28.90 -5.78
C HIS A 279 -23.55 28.98 -6.09
N THR A 280 -23.93 29.99 -6.87
CA THR A 280 -25.31 30.19 -7.30
C THR A 280 -25.35 30.30 -8.82
N GLY A 281 -26.02 29.37 -9.47
CA GLY A 281 -26.20 29.39 -10.90
C GLY A 281 -25.50 28.23 -11.59
N ASN A 282 -25.78 28.10 -12.88
CA ASN A 282 -25.12 27.09 -13.70
C ASN A 282 -23.68 27.49 -13.97
N TYR A 283 -22.76 26.56 -13.73
CA TYR A 283 -21.35 26.91 -13.88
C TYR A 283 -20.50 25.70 -14.21
N PRO A 284 -20.03 25.58 -15.46
CA PRO A 284 -18.98 24.60 -15.77
C PRO A 284 -17.64 25.12 -15.27
N LEU A 285 -17.00 24.34 -14.38
CA LEU A 285 -15.81 24.83 -13.71
C LEU A 285 -14.65 24.94 -14.69
N VAL A 286 -13.86 26.00 -14.53
CA VAL A 286 -12.63 26.22 -15.30
C VAL A 286 -11.47 25.84 -14.39
N ILE A 287 -10.79 24.74 -14.71
CA ILE A 287 -9.76 24.19 -13.82
C ILE A 287 -8.63 23.64 -14.65
N PRO A 288 -7.41 23.69 -14.10
CA PRO A 288 -6.26 23.14 -14.83
C PRO A 288 -6.33 21.63 -14.89
N PRO A 289 -5.80 21.01 -15.95
CA PRO A 289 -5.94 19.56 -16.12
C PRO A 289 -5.19 18.75 -15.07
N ASN A 290 -4.21 19.33 -14.38
CA ASN A 290 -3.44 18.59 -13.39
C ASN A 290 -4.03 18.68 -11.98
N GLY A 291 -5.14 19.40 -11.81
CA GLY A 291 -5.72 19.53 -10.48
C GLY A 291 -6.30 18.23 -9.96
N HIS A 292 -6.32 18.10 -8.64
CA HIS A 292 -6.92 16.92 -8.01
C HIS A 292 -7.45 17.30 -6.63
N PHE A 293 -8.35 16.46 -6.13
CA PHE A 293 -8.94 16.68 -4.81
C PHE A 293 -8.02 16.18 -3.70
N ARG A 294 -8.13 16.82 -2.54
CA ARG A 294 -7.41 16.40 -1.35
C ARG A 294 -8.34 16.48 -0.15
N PHE A 295 -8.22 15.52 0.76
CA PHE A 295 -9.02 15.51 1.97
C PHE A 295 -8.34 16.36 3.04
N ASP A 296 -9.09 17.30 3.62
CA ASP A 296 -8.54 18.19 4.63
C ASP A 296 -8.83 17.67 6.05
N SER A 297 -10.10 17.56 6.40
CA SER A 297 -10.50 17.24 7.77
C SER A 297 -12.00 17.00 7.79
N TRP A 298 -12.48 16.47 8.92
CA TRP A 298 -13.89 16.30 9.19
C TRP A 298 -14.43 17.56 9.86
N VAL A 299 -15.50 18.12 9.30
CA VAL A 299 -16.06 19.37 9.79
C VAL A 299 -17.51 19.14 10.22
N ASN A 300 -18.11 20.17 10.82
CA ASN A 300 -19.45 20.05 11.37
C ASN A 300 -20.49 20.44 10.32
N GLN A 301 -21.76 20.50 10.74
CA GLN A 301 -22.86 20.77 9.82
C GLN A 301 -22.89 22.21 9.34
N PHE A 302 -22.27 23.13 10.07
CA PHE A 302 -22.43 24.56 9.82
C PHE A 302 -21.14 25.19 9.30
N TYR A 303 -20.27 24.38 8.70
CA TYR A 303 -19.09 24.91 8.03
C TYR A 303 -19.52 25.76 6.85
N SER A 304 -18.96 26.96 6.76
CA SER A 304 -19.26 27.88 5.67
C SER A 304 -18.12 27.81 4.66
N LEU A 305 -18.43 27.29 3.47
CA LEU A 305 -17.42 27.16 2.43
C LEU A 305 -17.08 28.51 1.84
N ALA A 306 -15.84 28.67 1.44
CA ALA A 306 -15.44 29.85 0.70
C ALA A 306 -16.15 29.86 -0.65
N PRO A 307 -16.77 30.97 -1.05
CA PRO A 307 -17.47 31.00 -2.34
C PRO A 307 -16.52 30.74 -3.50
N MET A 308 -17.02 30.05 -4.51
CA MET A 308 -16.24 29.74 -5.70
C MET A 308 -17.01 30.10 -6.97
N THR B 1 11.58 4.42 57.19
CA THR B 1 11.17 3.90 55.89
C THR B 1 11.34 2.39 55.83
N LYS B 2 10.28 1.70 55.43
CA LYS B 2 10.33 0.24 55.28
C LYS B 2 11.22 -0.12 54.10
N SER B 3 12.15 -1.05 54.33
CA SER B 3 13.13 -1.41 53.32
C SER B 3 12.51 -2.26 52.21
N PHE B 4 12.88 -1.96 50.97
CA PHE B 4 12.42 -2.74 49.83
C PHE B 4 13.21 -4.04 49.72
N THR B 5 12.49 -5.12 49.41
CA THR B 5 13.10 -6.44 49.31
C THR B 5 12.47 -7.21 48.15
N LEU B 6 13.18 -8.25 47.71
CA LEU B 6 12.71 -9.23 46.75
C LEU B 6 12.61 -10.60 47.43
N PRO B 7 11.66 -11.44 47.02
CA PRO B 7 11.68 -12.82 47.51
C PRO B 7 12.82 -13.60 46.87
N ILE B 8 13.34 -14.57 47.63
CA ILE B 8 14.46 -15.38 47.17
C ILE B 8 13.87 -16.62 46.48
N LEU B 9 13.88 -16.61 45.15
CA LEU B 9 13.30 -17.67 44.35
C LEU B 9 14.12 -17.88 43.10
N THR B 10 14.34 -19.15 42.75
CA THR B 10 14.84 -19.48 41.43
C THR B 10 13.72 -19.27 40.41
N ILE B 11 14.10 -19.20 39.14
CA ILE B 11 13.09 -18.90 38.12
C ILE B 11 12.10 -20.05 37.99
N SER B 12 12.51 -21.28 38.29
CA SER B 12 11.57 -22.40 38.28
C SER B 12 10.68 -22.42 39.51
N GLU B 13 10.93 -21.54 40.48
CA GLU B 13 10.04 -21.33 41.62
C GLU B 13 9.15 -20.11 41.42
N MET B 14 8.95 -19.67 40.18
CA MET B 14 8.13 -18.52 39.85
C MET B 14 6.97 -18.92 38.97
N THR B 15 5.89 -18.15 39.03
CA THR B 15 4.71 -18.38 38.23
C THR B 15 4.54 -17.24 37.24
N ASN B 16 4.17 -17.58 36.00
CA ASN B 16 3.83 -16.56 35.01
C ASN B 16 2.61 -15.78 35.48
N SER B 17 2.68 -14.46 35.40
CA SER B 17 1.60 -13.61 35.88
C SER B 17 0.55 -13.34 34.81
N ARG B 18 0.72 -13.87 33.60
CA ARG B 18 -0.26 -13.72 32.54
C ARG B 18 -0.94 -15.02 32.14
N PHE B 19 -0.43 -16.17 32.63
CA PHE B 19 -1.07 -17.46 32.41
C PHE B 19 -0.64 -18.38 33.54
N PRO B 20 -1.54 -19.17 34.11
CA PRO B 20 -1.19 -19.96 35.30
C PRO B 20 -0.29 -21.15 35.02
N ILE B 21 0.96 -20.89 34.67
CA ILE B 21 1.98 -21.92 34.47
C ILE B 21 3.31 -21.43 35.00
N PRO B 22 4.22 -22.34 35.32
CA PRO B 22 5.52 -21.91 35.85
C PRO B 22 6.37 -21.16 34.83
N ILE B 23 7.25 -20.31 35.34
CA ILE B 23 8.27 -19.67 34.52
C ILE B 23 9.29 -20.70 34.07
N GLU B 24 9.75 -20.59 32.84
CA GLU B 24 10.73 -21.52 32.29
C GLU B 24 12.05 -20.86 31.93
N GLN B 25 12.02 -19.63 31.43
CA GLN B 25 13.22 -18.96 30.96
C GLN B 25 13.14 -17.47 31.28
N LEU B 26 14.31 -16.84 31.26
CA LEU B 26 14.40 -15.38 31.15
C LEU B 26 14.77 -15.04 29.72
N TYR B 27 14.15 -13.98 29.18
CA TYR B 27 14.29 -13.65 27.78
C TYR B 27 14.29 -12.14 27.60
N THR B 28 15.19 -11.64 26.75
CA THR B 28 15.24 -10.23 26.42
C THR B 28 15.19 -10.05 24.91
N ALA B 29 14.57 -8.95 24.48
CA ALA B 29 14.41 -8.67 23.05
C ALA B 29 14.03 -7.21 22.90
N PRO B 30 14.34 -6.60 21.75
CA PRO B 30 13.82 -5.25 21.49
C PRO B 30 12.33 -5.30 21.23
N ASN B 31 11.69 -4.16 21.46
CA ASN B 31 10.24 -4.04 21.34
C ASN B 31 9.72 -4.08 19.89
N GLU B 32 10.47 -4.40 18.85
CA GLU B 32 10.51 -3.58 17.64
C GLU B 32 9.19 -2.88 17.30
N THR B 33 8.14 -3.64 16.95
CA THR B 33 6.85 -3.04 16.66
C THR B 33 5.81 -3.35 17.72
N ASN B 34 6.18 -4.12 18.73
CA ASN B 34 5.26 -4.45 19.81
C ASN B 34 5.09 -3.26 20.74
N VAL B 35 3.86 -3.00 21.13
CA VAL B 35 3.54 -2.12 22.23
C VAL B 35 3.36 -3.03 23.45
N VAL B 36 4.35 -3.04 24.32
CA VAL B 36 4.35 -3.93 25.48
C VAL B 36 3.47 -3.32 26.56
N GLN B 37 2.20 -3.72 26.59
CA GLN B 37 1.21 -3.13 27.48
C GLN B 37 0.30 -4.20 28.06
N CYS B 38 0.88 -5.31 28.52
CA CYS B 38 0.06 -6.34 29.16
C CYS B 38 -0.60 -5.76 30.43
N GLN B 39 -1.74 -6.34 30.78
CA GLN B 39 -2.54 -5.84 31.89
C GLN B 39 -2.54 -6.74 33.12
N ASN B 40 -2.14 -8.00 32.97
CA ASN B 40 -1.90 -8.88 34.09
C ASN B 40 -0.42 -8.86 34.46
N GLY B 41 -0.14 -9.10 35.73
CA GLY B 41 1.23 -8.99 36.21
C GLY B 41 1.76 -7.58 36.22
N ARG B 42 0.91 -6.61 36.57
CA ARG B 42 1.30 -5.19 36.62
C ARG B 42 1.15 -4.71 38.06
N CYS B 43 2.25 -4.24 38.63
CA CYS B 43 2.26 -3.80 40.02
C CYS B 43 3.48 -2.91 40.22
N THR B 44 3.27 -1.77 40.88
CA THR B 44 4.39 -0.89 41.18
C THR B 44 5.25 -1.50 42.29
N LEU B 45 6.46 -0.96 42.42
CA LEU B 45 7.38 -1.47 43.43
C LEU B 45 6.90 -1.20 44.85
N ASP B 46 6.01 -0.23 45.05
CA ASP B 46 5.44 0.04 46.37
C ASP B 46 4.09 -0.63 46.58
N GLY B 47 3.72 -1.55 45.71
CA GLY B 47 2.59 -2.44 45.98
C GLY B 47 1.25 -1.99 45.47
N GLU B 48 1.18 -1.21 44.41
CA GLU B 48 -0.07 -0.76 43.83
C GLU B 48 -0.36 -1.60 42.59
N LEU B 49 -1.40 -2.43 42.66
CA LEU B 49 -1.79 -3.24 41.52
C LEU B 49 -2.34 -2.35 40.41
N GLN B 50 -2.09 -2.76 39.17
CA GLN B 50 -2.48 -1.98 38.00
C GLN B 50 -3.15 -2.88 36.97
N GLY B 51 -3.87 -2.24 36.05
CA GLY B 51 -4.52 -2.99 34.99
C GLY B 51 -5.58 -3.93 35.53
N THR B 52 -5.53 -5.18 35.08
CA THR B 52 -6.45 -6.21 35.56
C THR B 52 -5.78 -7.16 36.55
N THR B 53 -4.71 -6.72 37.20
CA THR B 53 -3.89 -7.61 38.01
C THR B 53 -4.52 -7.88 39.37
N GLN B 54 -4.60 -9.15 39.74
CA GLN B 54 -5.00 -9.55 41.08
C GLN B 54 -3.97 -10.53 41.63
N LEU B 55 -4.24 -11.14 42.79
CA LEU B 55 -3.20 -11.80 43.56
C LEU B 55 -3.07 -13.29 43.29
N LEU B 56 -4.08 -13.94 42.73
CA LEU B 56 -4.11 -15.40 42.62
C LEU B 56 -3.75 -15.84 41.21
N SER B 57 -2.71 -16.66 41.08
CA SER B 57 -2.41 -17.22 39.77
C SER B 57 -3.53 -18.14 39.30
N SER B 58 -4.25 -18.77 40.23
CA SER B 58 -5.37 -19.64 39.89
CA SER B 58 -5.37 -19.64 39.87
C SER B 58 -6.61 -18.87 39.46
N ALA B 59 -6.53 -17.54 39.37
CA ALA B 59 -7.62 -16.73 38.84
C ALA B 59 -7.25 -16.09 37.51
N ILE B 60 -6.01 -16.25 37.04
CA ILE B 60 -5.60 -15.68 35.77
C ILE B 60 -6.25 -16.48 34.63
N CYS B 61 -6.91 -15.77 33.72
CA CYS B 61 -7.63 -16.37 32.60
C CYS B 61 -8.72 -17.33 33.05
N SER B 62 -9.20 -17.16 34.28
N SER B 62 -9.22 -17.15 34.27
CA SER B 62 -10.34 -17.91 34.79
CA SER B 62 -10.34 -17.92 34.80
C SER B 62 -11.58 -17.02 34.75
C SER B 62 -11.59 -17.05 34.83
N TYR B 63 -12.73 -17.64 34.47
CA TYR B 63 -13.99 -16.93 34.44
C TYR B 63 -15.05 -17.76 35.15
N ARG B 64 -16.07 -17.07 35.67
CA ARG B 64 -17.22 -17.75 36.22
C ARG B 64 -18.44 -16.86 36.07
N GLY B 65 -19.60 -17.50 36.05
CA GLY B 65 -20.85 -16.79 35.87
C GLY B 65 -21.95 -17.76 35.47
N ARG B 66 -23.01 -17.18 34.91
CA ARG B 66 -24.17 -17.95 34.49
C ARG B 66 -24.22 -18.00 32.96
N THR B 67 -24.38 -19.20 32.41
CA THR B 67 -24.45 -19.33 30.97
C THR B 67 -25.78 -18.82 30.44
N LEU B 68 -25.74 -18.33 29.20
CA LEU B 68 -26.92 -17.79 28.52
C LEU B 68 -26.86 -18.27 27.08
N ALA B 69 -27.82 -19.12 26.69
CA ALA B 69 -27.84 -19.62 25.32
C ALA B 69 -27.99 -18.47 24.33
N ASN B 70 -27.26 -18.58 23.22
CA ASN B 70 -27.12 -17.49 22.26
C ASN B 70 -27.17 -18.04 20.84
N ASN B 71 -27.92 -17.35 19.97
CA ASN B 71 -28.09 -17.79 18.59
C ASN B 71 -26.91 -17.24 17.76
N ASP B 72 -25.81 -17.99 17.76
CA ASP B 72 -24.65 -17.63 16.96
C ASP B 72 -23.86 -18.90 16.68
N SER B 73 -23.32 -19.00 15.46
CA SER B 73 -22.63 -20.23 15.07
C SER B 73 -21.31 -20.41 15.79
N TRP B 74 -20.68 -19.32 16.23
CA TRP B 74 -19.45 -19.43 17.00
C TRP B 74 -19.73 -19.45 18.51
N ASP B 75 -20.32 -18.38 19.03
CA ASP B 75 -20.60 -18.26 20.47
C ASP B 75 -22.01 -18.77 20.72
N GLN B 76 -22.14 -20.10 20.89
CA GLN B 76 -23.45 -20.69 21.14
C GLN B 76 -23.98 -20.38 22.53
N ASN B 77 -23.12 -19.90 23.41
CA ASN B 77 -23.51 -19.46 24.75
C ASN B 77 -22.70 -18.24 25.12
N LEU B 78 -23.29 -17.38 25.95
CA LEU B 78 -22.57 -16.30 26.59
C LEU B 78 -22.39 -16.66 28.07
N LEU B 79 -21.31 -16.16 28.65
CA LEU B 79 -21.09 -16.28 30.10
C LEU B 79 -21.29 -14.91 30.71
N GLN B 80 -22.37 -14.77 31.49
CA GLN B 80 -22.62 -13.53 32.22
C GLN B 80 -21.77 -13.54 33.48
N LEU B 81 -20.71 -12.74 33.48
CA LEU B 81 -19.65 -12.86 34.47
C LEU B 81 -20.12 -12.43 35.85
N SER B 82 -19.57 -13.10 36.87
CA SER B 82 -19.84 -12.77 38.25
C SER B 82 -18.55 -12.87 39.06
N TYR B 83 -18.57 -12.26 40.23
CA TYR B 83 -17.49 -12.42 41.20
C TYR B 83 -17.59 -13.82 41.81
N PRO B 84 -16.55 -14.28 42.50
CA PRO B 84 -16.58 -15.64 43.07
C PRO B 84 -17.81 -15.97 43.91
N ASN B 85 -18.39 -15.01 44.63
CA ASN B 85 -19.55 -15.37 45.43
C ASN B 85 -20.81 -15.48 44.58
N GLY B 86 -20.86 -14.80 43.42
CA GLY B 86 -22.01 -14.83 42.55
C GLY B 86 -22.58 -13.47 42.20
N ALA B 87 -22.04 -12.38 42.74
CA ALA B 87 -22.55 -11.06 42.42
C ALA B 87 -22.14 -10.64 41.02
N SER B 88 -23.02 -9.93 40.32
CA SER B 88 -22.76 -9.53 38.96
C SER B 88 -21.64 -8.50 38.89
N TYR B 89 -20.86 -8.57 37.81
CA TYR B 89 -19.75 -7.64 37.63
C TYR B 89 -20.23 -6.21 37.49
N ASP B 90 -19.49 -5.28 38.08
CA ASP B 90 -19.84 -3.87 38.01
C ASP B 90 -18.94 -3.17 37.02
N PRO B 91 -19.46 -2.74 35.86
CA PRO B 91 -18.58 -2.16 34.83
C PRO B 91 -17.97 -0.81 35.20
N THR B 92 -18.36 -0.21 36.31
CA THR B 92 -17.86 1.12 36.67
C THR B 92 -16.55 1.10 37.43
N ASP B 93 -15.99 -0.08 37.71
CA ASP B 93 -14.72 -0.15 38.40
C ASP B 93 -13.61 0.46 37.55
N GLU B 94 -12.58 1.00 38.22
CA GLU B 94 -11.52 1.69 37.52
C GLU B 94 -10.50 0.71 36.93
N VAL B 95 -10.99 -0.30 36.23
CA VAL B 95 -10.14 -1.34 35.66
C VAL B 95 -10.52 -1.54 34.21
N PRO B 96 -9.60 -2.03 33.38
CA PRO B 96 -9.97 -2.28 31.97
C PRO B 96 -11.00 -3.38 31.81
N ALA B 97 -11.09 -4.30 32.76
CA ALA B 97 -11.90 -5.50 32.68
C ALA B 97 -11.88 -6.19 34.03
N PRO B 98 -12.72 -7.21 34.26
CA PRO B 98 -12.61 -7.97 35.52
C PRO B 98 -11.18 -8.47 35.73
N LEU B 99 -10.75 -8.46 36.99
CA LEU B 99 -9.39 -8.85 37.32
C LEU B 99 -9.13 -10.29 36.88
N GLY B 100 -7.99 -10.51 36.24
CA GLY B 100 -7.65 -11.82 35.73
C GLY B 100 -8.03 -12.07 34.28
N THR B 101 -8.82 -11.18 33.68
CA THR B 101 -9.21 -11.33 32.28
C THR B 101 -7.98 -11.48 31.39
N GLN B 102 -8.08 -12.35 30.39
CA GLN B 102 -6.98 -12.55 29.46
C GLN B 102 -6.59 -11.22 28.81
N ASP B 103 -5.27 -11.00 28.68
CA ASP B 103 -4.76 -9.74 28.15
C ASP B 103 -4.01 -9.93 26.84
N PHE B 104 -4.29 -11.01 26.11
CA PHE B 104 -3.68 -11.28 24.82
C PHE B 104 -4.78 -11.48 23.79
N SER B 105 -4.47 -11.16 22.54
CA SER B 105 -5.41 -11.32 21.43
CA SER B 105 -5.40 -11.32 21.43
C SER B 105 -5.29 -12.73 20.87
N GLY B 106 -6.44 -13.36 20.62
CA GLY B 106 -6.46 -14.71 20.10
C GLY B 106 -7.48 -15.58 20.80
N ILE B 107 -7.25 -16.89 20.80
CA ILE B 107 -8.19 -17.86 21.34
C ILE B 107 -7.60 -18.45 22.62
N LEU B 108 -8.38 -18.37 23.70
CA LEU B 108 -8.08 -19.05 24.96
C LEU B 108 -8.89 -20.33 25.02
N TYR B 109 -8.24 -21.45 25.34
CA TYR B 109 -8.91 -22.73 25.45
C TYR B 109 -8.94 -23.18 26.90
N GLY B 110 -10.06 -23.78 27.29
CA GLY B 110 -10.18 -24.30 28.64
C GLY B 110 -11.43 -25.14 28.77
N VAL B 111 -11.76 -25.47 30.02
CA VAL B 111 -12.84 -26.40 30.31
C VAL B 111 -13.87 -25.68 31.17
N LEU B 112 -15.14 -25.78 30.76
CA LEU B 112 -16.26 -25.27 31.53
C LEU B 112 -16.87 -26.40 32.34
N THR B 113 -17.13 -26.14 33.62
CA THR B 113 -17.87 -27.06 34.48
C THR B 113 -19.12 -26.36 34.98
N GLN B 114 -20.17 -27.14 35.20
CA GLN B 114 -21.52 -26.63 35.44
C GLN B 114 -22.13 -27.44 36.58
N ASP B 115 -23.46 -27.43 36.69
CA ASP B 115 -24.15 -28.27 37.65
C ASP B 115 -23.67 -29.72 37.54
N ASN B 116 -23.38 -30.33 38.70
CA ASN B 116 -22.93 -31.71 38.70
C ASN B 116 -23.99 -32.64 38.12
N VAL B 117 -23.53 -33.70 37.47
CA VAL B 117 -24.41 -34.66 36.82
C VAL B 117 -24.29 -36.00 37.52
N THR B 118 -25.33 -36.83 37.35
CA THR B 118 -25.30 -38.17 37.93
C THR B 118 -24.19 -39.00 37.29
N GLU B 119 -23.75 -40.02 38.03
CA GLU B 119 -22.69 -40.90 37.54
C GLU B 119 -23.07 -41.56 36.23
N GLY B 120 -24.34 -41.93 36.08
CA GLY B 120 -24.81 -42.60 34.88
C GLY B 120 -24.84 -41.73 33.63
N THR B 121 -24.69 -40.41 33.79
CA THR B 121 -24.69 -39.52 32.62
C THR B 121 -23.50 -39.80 31.71
N GLY B 122 -22.37 -40.18 32.28
CA GLY B 122 -21.20 -40.55 31.49
C GLY B 122 -19.94 -39.87 32.00
N GLU B 123 -18.82 -40.31 31.45
CA GLU B 123 -17.52 -39.82 31.87
C GLU B 123 -17.32 -38.38 31.42
N ALA B 124 -16.92 -37.53 32.36
CA ALA B 124 -16.60 -36.12 32.09
C ALA B 124 -17.75 -35.39 31.39
N LYS B 125 -18.99 -35.78 31.69
CA LYS B 125 -20.14 -35.14 31.08
C LYS B 125 -20.46 -33.79 31.70
N ASN B 126 -19.78 -33.40 32.79
CA ASN B 126 -19.84 -32.04 33.30
C ASN B 126 -18.55 -31.29 33.00
N ALA B 127 -17.92 -31.60 31.87
CA ALA B 127 -16.76 -30.88 31.37
C ALA B 127 -16.99 -30.56 29.91
N LYS B 128 -16.86 -29.29 29.55
CA LYS B 128 -17.05 -28.84 28.17
C LYS B 128 -15.81 -28.10 27.71
N GLY B 129 -15.26 -28.50 26.56
CA GLY B 129 -14.13 -27.79 25.98
C GLY B 129 -14.61 -26.52 25.28
N ILE B 130 -13.95 -25.40 25.58
CA ILE B 130 -14.45 -24.08 25.20
C ILE B 130 -13.32 -23.28 24.55
N TYR B 131 -13.66 -22.58 23.46
CA TYR B 131 -12.82 -21.52 22.90
C TYR B 131 -13.41 -20.17 23.31
N ILE B 132 -12.57 -19.31 23.90
CA ILE B 132 -12.92 -17.94 24.20
C ILE B 132 -12.05 -17.06 23.32
N SER B 133 -12.62 -16.53 22.24
CA SER B 133 -11.87 -15.73 21.27
C SER B 133 -12.10 -14.25 21.50
N THR B 134 -11.01 -13.48 21.55
CA THR B 134 -11.12 -12.03 21.70
C THR B 134 -11.45 -11.32 20.39
N THR B 135 -11.36 -12.01 19.25
CA THR B 135 -11.80 -11.39 18.00
C THR B 135 -13.30 -11.51 17.79
N SER B 136 -14.00 -12.18 18.69
CA SER B 136 -15.46 -12.24 18.62
C SER B 136 -16.07 -10.95 19.17
N GLY B 137 -17.13 -10.49 18.51
CA GLY B 137 -17.87 -9.36 19.02
C GLY B 137 -18.52 -9.61 20.37
N LYS B 138 -18.61 -10.86 20.79
CA LYS B 138 -19.17 -11.23 22.10
C LYS B 138 -18.14 -11.16 23.21
N PHE B 139 -16.87 -10.89 22.91
CA PHE B 139 -15.88 -10.73 23.97
C PHE B 139 -15.99 -9.31 24.51
N THR B 140 -16.82 -9.14 25.54
CA THR B 140 -17.03 -7.85 26.18
C THR B 140 -16.96 -7.99 27.70
N PRO B 141 -15.81 -8.45 28.24
CA PRO B 141 -15.74 -8.66 29.69
C PRO B 141 -15.96 -7.40 30.51
N LYS B 142 -15.51 -6.25 30.02
CA LYS B 142 -15.74 -5.00 30.74
C LYS B 142 -17.23 -4.73 30.93
N ILE B 143 -18.07 -5.15 29.97
CA ILE B 143 -19.52 -5.03 30.10
C ILE B 143 -20.13 -6.19 30.89
N GLY B 144 -19.36 -7.23 31.17
CA GLY B 144 -19.83 -8.32 32.00
C GLY B 144 -20.24 -9.59 31.27
N SER B 145 -19.81 -9.78 30.03
CA SER B 145 -20.24 -10.94 29.26
C SER B 145 -19.16 -11.32 28.26
N ILE B 146 -18.92 -12.62 28.10
CA ILE B 146 -17.99 -13.13 27.10
C ILE B 146 -18.68 -14.26 26.33
N GLY B 147 -18.16 -14.52 25.12
CA GLY B 147 -18.70 -15.57 24.28
C GLY B 147 -17.95 -16.88 24.49
N LEU B 148 -18.73 -17.97 24.54
CA LEU B 148 -18.20 -19.32 24.69
C LEU B 148 -18.48 -20.11 23.42
N HIS B 149 -17.42 -20.58 22.77
CA HIS B 149 -17.55 -21.47 21.62
C HIS B 149 -17.25 -22.89 22.09
N SER B 150 -18.28 -23.73 22.13
CA SER B 150 -18.09 -25.10 22.61
C SER B 150 -17.53 -25.98 21.50
N ILE B 151 -16.64 -26.90 21.88
CA ILE B 151 -16.04 -27.86 20.97
C ILE B 151 -16.43 -29.28 21.34
N THR B 152 -16.37 -29.61 22.62
CA THR B 152 -16.78 -30.91 23.14
C THR B 152 -17.73 -30.70 24.31
N GLY B 153 -18.77 -31.51 24.38
CA GLY B 153 -19.72 -31.43 25.47
C GLY B 153 -20.88 -30.49 25.18
N ASP B 154 -21.94 -30.64 25.98
CA ASP B 154 -23.16 -29.87 25.83
C ASP B 154 -23.19 -28.79 26.90
N VAL B 155 -23.10 -27.53 26.50
CA VAL B 155 -23.14 -26.43 27.44
C VAL B 155 -24.61 -26.12 27.76
N HIS B 156 -24.98 -26.30 29.03
CA HIS B 156 -26.36 -26.12 29.45
C HIS B 156 -26.64 -24.66 29.76
N HIS B 157 -27.92 -24.28 29.63
CA HIS B 157 -28.34 -22.90 29.77
C HIS B 157 -28.69 -22.58 31.21
N ASN B 158 -28.35 -21.34 31.62
CA ASN B 158 -28.77 -20.77 32.90
C ASN B 158 -28.19 -21.54 34.10
N GLN B 159 -26.97 -22.03 33.98
CA GLN B 159 -26.31 -22.74 35.07
C GLN B 159 -25.07 -21.98 35.51
N GLN B 160 -24.84 -21.94 36.82
CA GLN B 160 -23.62 -21.33 37.34
C GLN B 160 -22.43 -22.18 36.92
N SER B 161 -21.49 -21.56 36.21
CA SER B 161 -20.43 -22.29 35.54
C SER B 161 -19.07 -21.66 35.85
N ARG B 162 -18.03 -22.50 35.79
CA ARG B 162 -16.66 -22.07 35.99
C ARG B 162 -15.83 -22.47 34.78
N PHE B 163 -14.97 -21.56 34.33
CA PHE B 163 -14.05 -21.82 33.23
C PHE B 163 -12.64 -21.92 33.78
N THR B 164 -11.98 -23.06 33.52
CA THR B 164 -10.60 -23.26 33.90
C THR B 164 -9.72 -23.21 32.66
N PRO B 165 -8.72 -22.32 32.61
CA PRO B 165 -7.89 -22.22 31.41
C PRO B 165 -6.92 -23.38 31.29
N VAL B 166 -6.63 -23.77 30.06
CA VAL B 166 -5.68 -24.83 29.75
C VAL B 166 -4.57 -24.34 28.83
N GLY B 167 -4.93 -23.63 27.78
CA GLY B 167 -3.94 -23.11 26.86
C GLY B 167 -4.54 -22.15 25.88
N ILE B 168 -3.86 -21.99 24.75
CA ILE B 168 -4.33 -21.13 23.67
C ILE B 168 -4.63 -22.01 22.46
N ALA B 169 -5.17 -21.38 21.42
CA ALA B 169 -5.43 -22.05 20.16
C ALA B 169 -5.26 -21.04 19.04
N VAL B 170 -4.88 -21.54 17.87
CA VAL B 170 -4.70 -20.71 16.69
C VAL B 170 -5.44 -21.39 15.54
N ASN B 171 -6.35 -20.66 14.89
CA ASN B 171 -6.93 -21.12 13.64
C ASN B 171 -6.50 -20.16 12.52
N GLU B 172 -7.04 -20.37 11.32
CA GLU B 172 -6.48 -19.72 10.15
C GLU B 172 -6.79 -18.22 10.07
N ASN B 173 -7.66 -17.68 10.92
CA ASN B 173 -7.86 -16.23 10.94
C ASN B 173 -7.77 -15.64 12.34
N THR B 174 -7.28 -16.39 13.32
CA THR B 174 -7.13 -15.90 14.69
C THR B 174 -5.74 -16.25 15.19
N PRO B 175 -4.73 -15.45 14.84
CA PRO B 175 -3.38 -15.70 15.35
C PRO B 175 -3.27 -15.31 16.81
N PHE B 176 -2.25 -15.88 17.46
CA PHE B 176 -1.97 -15.59 18.87
C PHE B 176 -1.01 -14.42 18.94
N LYS B 177 -1.51 -13.27 19.39
CA LYS B 177 -0.75 -12.02 19.45
C LYS B 177 -0.72 -11.55 20.90
N GLN B 178 0.33 -11.95 21.63
CA GLN B 178 0.40 -11.69 23.06
C GLN B 178 0.57 -10.23 23.41
N TRP B 179 0.93 -9.37 22.45
CA TRP B 179 1.14 -7.96 22.73
C TRP B 179 0.08 -7.07 22.10
N VAL B 180 -0.98 -7.65 21.55
CA VAL B 180 -2.13 -6.90 21.08
C VAL B 180 -3.23 -7.09 22.11
N LEU B 181 -3.62 -6.00 22.76
CA LEU B 181 -4.62 -6.09 23.81
C LEU B 181 -5.98 -6.41 23.21
N PRO B 182 -6.80 -7.20 23.91
CA PRO B 182 -8.20 -7.36 23.47
C PRO B 182 -8.95 -6.05 23.64
N HIS B 183 -10.08 -5.96 22.96
CA HIS B 183 -11.02 -4.86 23.18
C HIS B 183 -12.00 -5.32 24.25
N TYR B 184 -11.77 -4.89 25.48
CA TYR B 184 -12.52 -5.42 26.62
C TYR B 184 -14.00 -5.05 26.56
N SER B 185 -14.37 -4.04 25.78
CA SER B 185 -15.77 -3.68 25.58
C SER B 185 -16.26 -4.01 24.19
N GLY B 186 -15.49 -4.78 23.43
CA GLY B 186 -15.89 -5.07 22.05
C GLY B 186 -15.90 -3.82 21.20
N SER B 187 -16.88 -3.75 20.31
CA SER B 187 -17.01 -2.61 19.41
C SER B 187 -17.68 -1.40 20.06
N LEU B 188 -18.24 -1.57 21.26
CA LEU B 188 -19.01 -0.47 21.86
C LEU B 188 -18.10 0.64 22.38
N ALA B 189 -16.91 0.30 22.85
CA ALA B 189 -16.02 1.31 23.41
C ALA B 189 -14.58 0.81 23.31
N LEU B 190 -13.65 1.74 23.28
CA LEU B 190 -12.24 1.40 23.33
C LEU B 190 -11.83 1.11 24.77
N ASN B 191 -10.58 0.67 24.93
CA ASN B 191 -10.10 0.27 26.25
C ASN B 191 -9.85 1.48 27.14
N THR B 192 -9.93 1.26 28.45
CA THR B 192 -9.75 2.33 29.42
C THR B 192 -9.06 1.77 30.66
N ASN B 193 -8.55 2.67 31.49
CA ASN B 193 -7.89 2.33 32.75
C ASN B 193 -6.68 1.42 32.56
N LEU B 194 -6.05 1.49 31.38
CA LEU B 194 -4.96 0.57 31.06
C LEU B 194 -3.70 0.92 31.84
N ALA B 195 -3.02 -0.11 32.33
CA ALA B 195 -1.65 0.08 32.79
C ALA B 195 -0.79 0.54 31.61
N PRO B 196 0.14 1.45 31.82
CA PRO B 196 0.84 2.06 30.68
C PRO B 196 1.75 1.06 29.98
N ALA B 197 2.00 1.36 28.70
CA ALA B 197 2.99 0.59 27.94
C ALA B 197 4.39 0.89 28.47
N VAL B 198 5.27 -0.10 28.39
CA VAL B 198 6.62 0.04 28.90
C VAL B 198 7.61 -0.18 27.77
N ALA B 199 8.76 0.47 27.88
CA ALA B 199 9.80 0.40 26.86
C ALA B 199 11.10 0.87 27.48
N PRO B 200 12.26 0.43 26.96
CA PRO B 200 13.53 0.96 27.44
C PRO B 200 13.77 2.36 26.89
N THR B 201 14.08 3.29 27.80
CA THR B 201 14.39 4.66 27.42
C THR B 201 15.89 4.92 27.32
N PHE B 202 16.70 4.09 27.93
CA PHE B 202 18.15 4.13 27.96
C PHE B 202 18.70 3.41 26.73
N PRO B 203 19.58 4.05 25.95
CA PRO B 203 20.09 3.39 24.74
C PRO B 203 20.91 2.16 25.09
N GLY B 204 20.67 1.08 24.36
CA GLY B 204 21.33 -0.18 24.61
C GLY B 204 20.63 -1.08 25.59
N GLU B 205 19.54 -0.62 26.21
CA GLU B 205 18.78 -1.43 27.15
C GLU B 205 17.57 -2.05 26.45
N GLN B 206 17.15 -3.19 26.96
CA GLN B 206 15.98 -3.90 26.48
C GLN B 206 15.20 -4.42 27.68
N LEU B 207 13.90 -4.65 27.47
CA LEU B 207 13.09 -5.27 28.51
C LEU B 207 13.55 -6.70 28.76
N LEU B 208 13.42 -7.13 30.02
CA LEU B 208 13.66 -8.51 30.41
C LEU B 208 12.33 -9.16 30.77
N PHE B 209 12.06 -10.32 30.17
CA PHE B 209 10.78 -11.00 30.32
C PHE B 209 10.96 -12.32 31.07
N PHE B 210 9.94 -12.66 31.85
CA PHE B 210 9.82 -13.99 32.45
C PHE B 210 8.95 -14.82 31.52
N ARG B 211 9.53 -15.87 30.93
CA ARG B 211 8.97 -16.54 29.76
C ARG B 211 8.48 -17.94 30.11
N SER B 212 7.30 -18.28 29.60
CA SER B 212 6.74 -19.62 29.70
C SER B 212 6.24 -20.07 28.34
N ARG B 213 6.17 -21.38 28.15
CA ARG B 213 5.55 -21.98 26.98
C ARG B 213 4.11 -22.36 27.33
N VAL B 214 3.15 -21.75 26.66
CA VAL B 214 1.74 -22.03 26.93
C VAL B 214 1.29 -23.18 26.02
N PRO B 215 0.55 -24.16 26.55
CA PRO B 215 0.04 -25.23 25.68
C PRO B 215 -0.85 -24.66 24.59
N CYS B 216 -0.73 -25.23 23.39
CA CYS B 216 -1.49 -24.81 22.23
C CYS B 216 -2.26 -25.99 21.68
N VAL B 217 -3.59 -25.93 21.73
CA VAL B 217 -4.44 -27.07 21.40
C VAL B 217 -4.84 -27.09 19.93
N GLN B 218 -4.46 -26.08 19.15
CA GLN B 218 -4.69 -26.09 17.71
C GLN B 218 -3.73 -25.10 17.07
N GLY B 219 -3.04 -25.54 16.02
CA GLY B 219 -2.13 -24.66 15.31
C GLY B 219 -0.74 -24.63 15.90
N LEU B 220 0.10 -23.81 15.26
CA LEU B 220 1.50 -23.60 15.67
C LEU B 220 2.29 -24.91 15.64
N HIS B 221 2.07 -25.71 14.60
CA HIS B 221 2.82 -26.94 14.42
C HIS B 221 4.30 -26.65 14.28
N GLY B 222 5.13 -27.41 14.99
CA GLY B 222 6.57 -27.19 14.96
C GLY B 222 7.04 -25.91 15.60
N GLN B 223 6.15 -25.17 16.28
CA GLN B 223 6.50 -23.92 16.92
C GLN B 223 6.02 -23.95 18.36
N ASP B 224 6.66 -23.13 19.19
CA ASP B 224 6.30 -23.00 20.59
C ASP B 224 5.56 -21.68 20.81
N ALA B 225 4.47 -21.75 21.56
CA ALA B 225 3.71 -20.55 21.93
C ALA B 225 4.27 -19.99 23.23
N PHE B 226 4.82 -18.77 23.16
CA PHE B 226 5.44 -18.14 24.31
C PHE B 226 4.49 -17.10 24.91
N ILE B 227 4.45 -17.06 26.25
CA ILE B 227 3.76 -16.00 26.97
C ILE B 227 4.78 -15.35 27.90
N ASP B 228 5.01 -14.05 27.70
CA ASP B 228 6.05 -13.30 28.40
C ASP B 228 5.41 -12.30 29.34
N CYS B 229 5.86 -12.27 30.59
CA CYS B 229 5.35 -11.32 31.56
C CYS B 229 6.48 -10.45 32.10
N LEU B 230 6.11 -9.30 32.66
CA LEU B 230 7.09 -8.33 33.14
C LEU B 230 7.54 -8.62 34.56
N LEU B 231 6.68 -9.26 35.36
CA LEU B 231 6.97 -9.62 36.74
C LEU B 231 6.34 -10.97 37.00
N PRO B 232 7.01 -11.86 37.72
CA PRO B 232 6.35 -13.10 38.14
C PRO B 232 5.28 -12.79 39.16
N GLN B 233 4.27 -13.67 39.23
CA GLN B 233 3.17 -13.44 40.16
C GLN B 233 3.66 -13.29 41.59
N GLU B 234 4.74 -14.00 41.94
CA GLU B 234 5.26 -13.93 43.31
C GLU B 234 5.80 -12.54 43.64
N TRP B 235 6.35 -11.82 42.65
CA TRP B 235 6.82 -10.46 42.91
C TRP B 235 5.65 -9.51 43.08
N VAL B 236 4.60 -9.69 42.27
CA VAL B 236 3.37 -8.90 42.44
C VAL B 236 2.86 -9.03 43.87
N ASN B 237 2.74 -10.27 44.35
CA ASN B 237 2.22 -10.51 45.69
C ASN B 237 3.16 -9.96 46.76
N HIS B 238 4.47 -10.06 46.52
CA HIS B 238 5.43 -9.58 47.50
C HIS B 238 5.39 -8.06 47.63
N PHE B 239 5.37 -7.36 46.50
CA PHE B 239 5.29 -5.90 46.55
C PHE B 239 3.98 -5.46 47.19
N TYR B 240 2.88 -6.16 46.89
CA TYR B 240 1.59 -5.83 47.49
C TYR B 240 1.63 -5.99 49.00
N GLN B 241 2.24 -7.08 49.49
CA GLN B 241 2.33 -7.32 50.93
C GLN B 241 3.21 -6.28 51.62
N GLU B 242 4.38 -6.01 51.04
CA GLU B 242 5.37 -5.18 51.72
C GLU B 242 5.01 -3.71 51.68
N ALA B 243 4.58 -3.21 50.51
CA ALA B 243 4.24 -1.79 50.33
C ALA B 243 5.40 -0.90 50.76
N ALA B 244 6.62 -1.30 50.42
CA ALA B 244 7.79 -0.51 50.78
C ALA B 244 7.86 0.73 49.91
N PRO B 245 8.05 1.91 50.49
CA PRO B 245 8.13 3.13 49.68
C PRO B 245 9.32 3.09 48.73
N SER B 246 9.08 3.44 47.47
CA SER B 246 10.15 3.49 46.48
C SER B 246 10.97 4.76 46.68
N GLN B 247 12.26 4.59 46.96
CA GLN B 247 13.11 5.74 47.25
C GLN B 247 13.45 6.51 45.99
N THR B 248 13.68 5.81 44.88
CA THR B 248 13.88 6.46 43.58
C THR B 248 13.03 5.77 42.54
N ASP B 249 13.22 6.13 41.27
CA ASP B 249 12.47 5.51 40.18
C ASP B 249 13.05 4.19 39.72
N VAL B 250 14.28 3.84 40.13
CA VAL B 250 14.96 2.65 39.63
C VAL B 250 15.64 1.93 40.79
N ALA B 251 15.37 0.64 40.92
CA ALA B 251 16.07 -0.21 41.86
C ALA B 251 17.10 -1.05 41.12
N LEU B 252 18.34 -1.02 41.59
CA LEU B 252 19.39 -1.86 41.02
C LEU B 252 19.27 -3.27 41.61
N ILE B 253 19.12 -4.28 40.75
CA ILE B 253 19.08 -5.66 41.18
C ILE B 253 20.14 -6.44 40.42
N ARG B 254 20.46 -7.63 40.93
CA ARG B 254 21.46 -8.48 40.31
C ARG B 254 21.03 -9.92 40.41
N PHE B 255 21.35 -10.69 39.36
CA PHE B 255 21.09 -12.12 39.31
C PHE B 255 22.40 -12.84 39.62
N VAL B 256 22.42 -13.59 40.73
CA VAL B 256 23.66 -14.13 41.26
C VAL B 256 23.61 -15.65 41.23
N ASN B 257 24.79 -16.26 41.09
CA ASN B 257 24.97 -17.68 41.36
C ASN B 257 25.25 -17.83 42.85
N PRO B 258 24.33 -18.40 43.64
CA PRO B 258 24.56 -18.45 45.09
C PRO B 258 25.74 -19.31 45.51
N ASP B 259 26.22 -20.20 44.63
CA ASP B 259 27.33 -21.06 44.99
C ASP B 259 28.67 -20.33 44.90
N THR B 260 28.84 -19.51 43.87
CA THR B 260 30.08 -18.75 43.73
C THR B 260 29.95 -17.30 44.16
N GLY B 261 28.73 -16.80 44.33
CA GLY B 261 28.52 -15.39 44.57
C GLY B 261 28.70 -14.51 43.35
N ARG B 262 28.96 -15.09 42.18
CA ARG B 262 29.20 -14.31 40.98
C ARG B 262 27.91 -13.66 40.50
N THR B 263 28.00 -12.38 40.16
CA THR B 263 26.88 -11.68 39.51
C THR B 263 26.86 -12.08 38.05
N LEU B 264 25.81 -12.83 37.65
CA LEU B 264 25.69 -13.23 36.25
C LEU B 264 25.29 -12.05 35.38
N PHE B 265 24.39 -11.18 35.88
CA PHE B 265 24.09 -9.92 35.22
C PHE B 265 23.38 -9.02 36.23
N GLU B 266 23.49 -7.72 35.99
CA GLU B 266 22.72 -6.74 36.76
C GLU B 266 21.62 -6.18 35.87
N ALA B 267 20.61 -5.60 36.52
CA ALA B 267 19.43 -5.13 35.82
C ALA B 267 18.79 -4.00 36.59
N LYS B 268 17.97 -3.22 35.87
CA LYS B 268 17.19 -2.14 36.47
C LYS B 268 15.77 -2.63 36.70
N LEU B 269 15.30 -2.51 37.93
CA LEU B 269 13.91 -2.79 38.28
C LEU B 269 13.20 -1.46 38.43
N HIS B 270 12.38 -1.10 37.45
CA HIS B 270 11.78 0.22 37.40
C HIS B 270 10.58 0.32 38.32
N ARG B 271 10.32 1.54 38.79
CA ARG B 271 9.30 1.76 39.82
C ARG B 271 7.92 1.31 39.37
N SER B 272 7.60 1.46 38.08
CA SER B 272 6.29 1.04 37.59
C SER B 272 6.17 -0.47 37.42
N GLY B 273 7.23 -1.23 37.67
CA GLY B 273 7.12 -2.68 37.67
C GLY B 273 7.56 -3.41 36.42
N PHE B 274 8.78 -3.14 35.95
CA PHE B 274 9.36 -3.92 34.85
C PHE B 274 10.88 -3.82 34.95
N ILE B 275 11.54 -4.68 34.18
CA ILE B 275 13.00 -4.85 34.25
C ILE B 275 13.61 -4.54 32.89
N THR B 276 14.75 -3.86 32.90
CA THR B 276 15.57 -3.69 31.70
C THR B 276 16.98 -4.20 31.96
N VAL B 277 17.62 -4.68 30.89
CA VAL B 277 18.99 -5.18 30.93
C VAL B 277 19.75 -4.54 29.77
N SER B 278 21.08 -4.62 29.84
CA SER B 278 21.95 -4.06 28.80
C SER B 278 22.26 -5.16 27.80
N HIS B 279 21.55 -5.16 26.67
CA HIS B 279 21.72 -6.15 25.63
C HIS B 279 21.06 -5.66 24.36
N THR B 280 21.57 -6.12 23.21
CA THR B 280 21.02 -5.76 21.90
C THR B 280 20.73 -7.05 21.13
N GLY B 281 19.45 -7.32 20.89
CA GLY B 281 19.03 -8.46 20.11
C GLY B 281 18.21 -9.44 20.93
N ASN B 282 17.60 -10.38 20.19
CA ASN B 282 16.84 -11.45 20.83
C ASN B 282 17.80 -12.39 21.56
N TYR B 283 17.48 -12.69 22.81
CA TYR B 283 18.42 -13.50 23.60
C TYR B 283 17.71 -14.29 24.69
N PRO B 284 17.59 -15.61 24.56
CA PRO B 284 17.21 -16.44 25.70
C PRO B 284 18.42 -16.59 26.62
N LEU B 285 18.25 -16.20 27.88
CA LEU B 285 19.38 -16.16 28.79
C LEU B 285 19.85 -17.57 29.15
N VAL B 286 21.16 -17.74 29.22
CA VAL B 286 21.78 -18.99 29.67
C VAL B 286 22.20 -18.78 31.11
N ILE B 287 21.50 -19.43 32.04
CA ILE B 287 21.72 -19.19 33.47
C ILE B 287 21.60 -20.50 34.23
N PRO B 288 22.30 -20.60 35.36
CA PRO B 288 22.21 -21.82 36.16
C PRO B 288 20.87 -21.90 36.86
N PRO B 289 20.33 -23.11 37.05
CA PRO B 289 18.99 -23.22 37.64
C PRO B 289 18.89 -22.73 39.07
N ASN B 290 20.00 -22.64 39.79
CA ASN B 290 19.97 -22.19 41.18
C ASN B 290 20.14 -20.69 41.33
N GLY B 291 20.29 -19.94 40.23
CA GLY B 291 20.47 -18.51 40.33
C GLY B 291 19.20 -17.81 40.79
N HIS B 292 19.38 -16.65 41.40
CA HIS B 292 18.24 -15.86 41.84
C HIS B 292 18.62 -14.38 41.88
N PHE B 293 17.59 -13.53 41.91
CA PHE B 293 17.78 -12.09 41.98
C PHE B 293 17.97 -11.64 43.42
N ARG B 294 18.75 -10.56 43.57
CA ARG B 294 18.89 -9.89 44.86
C ARG B 294 18.82 -8.38 44.63
N PHE B 295 18.27 -7.67 45.61
CA PHE B 295 18.17 -6.22 45.55
C PHE B 295 19.46 -5.60 46.07
N ASP B 296 20.03 -4.68 45.29
CA ASP B 296 21.26 -4.01 45.68
C ASP B 296 21.01 -2.67 46.37
N SER B 297 20.39 -1.73 45.66
CA SER B 297 20.24 -0.37 46.15
C SER B 297 19.33 0.39 45.19
N TRP B 298 18.94 1.60 45.62
CA TRP B 298 18.18 2.51 44.76
C TRP B 298 19.14 3.38 43.97
N VAL B 299 18.92 3.43 42.66
CA VAL B 299 19.73 4.20 41.71
C VAL B 299 18.76 5.03 40.89
N ASN B 300 19.23 5.65 39.81
CA ASN B 300 18.36 6.46 38.97
C ASN B 300 18.40 5.94 37.54
N GLN B 301 17.68 6.63 36.65
CA GLN B 301 17.64 6.26 35.24
C GLN B 301 18.97 6.47 34.53
N PHE B 302 19.92 7.16 35.16
CA PHE B 302 21.23 7.40 34.57
C PHE B 302 22.24 6.31 34.88
N TYR B 303 21.87 5.29 35.66
CA TYR B 303 22.80 4.22 35.99
C TYR B 303 23.15 3.42 34.74
N SER B 304 24.45 3.17 34.55
CA SER B 304 24.95 2.45 33.38
C SER B 304 25.12 0.98 33.76
N LEU B 305 24.25 0.12 33.23
CA LEU B 305 24.33 -1.31 33.53
C LEU B 305 25.52 -1.94 32.83
N ALA B 306 26.10 -2.95 33.49
CA ALA B 306 27.13 -3.74 32.85
C ALA B 306 26.53 -4.57 31.72
N PRO B 307 27.20 -4.67 30.57
CA PRO B 307 26.63 -5.44 29.47
C PRO B 307 26.47 -6.91 29.82
N MET B 308 25.41 -7.51 29.31
CA MET B 308 25.15 -8.92 29.53
C MET B 308 24.78 -9.61 28.22
N THR C 1 9.20 12.37 -20.08
CA THR C 1 10.19 12.13 -19.03
C THR C 1 10.97 13.40 -18.71
N LYS C 2 11.22 13.62 -17.43
CA LYS C 2 12.00 14.77 -17.00
C LYS C 2 13.47 14.58 -17.35
N SER C 3 14.10 15.63 -17.83
CA SER C 3 15.48 15.55 -18.30
C SER C 3 16.45 15.61 -17.12
N PHE C 4 17.50 14.79 -17.21
CA PHE C 4 18.55 14.79 -16.20
C PHE C 4 19.50 15.95 -16.42
N THR C 5 19.91 16.58 -15.31
CA THR C 5 20.80 17.73 -15.37
C THR C 5 21.76 17.68 -14.19
N LEU C 6 22.88 18.40 -14.34
CA LEU C 6 23.84 18.66 -13.28
C LEU C 6 23.82 20.14 -12.92
N PRO C 7 24.06 20.49 -11.66
CA PRO C 7 24.23 21.91 -11.33
C PRO C 7 25.53 22.45 -11.89
N ILE C 8 25.51 23.72 -12.28
CA ILE C 8 26.66 24.38 -12.88
C ILE C 8 27.49 24.97 -11.75
N LEU C 9 28.54 24.25 -11.36
CA LEU C 9 29.37 24.64 -10.24
C LEU C 9 30.82 24.27 -10.52
N THR C 10 31.73 25.20 -10.25
CA THR C 10 33.15 24.85 -10.22
C THR C 10 33.44 24.01 -8.98
N ILE C 11 34.61 23.37 -8.97
CA ILE C 11 34.90 22.46 -7.86
C ILE C 11 35.04 23.23 -6.55
N SER C 12 35.49 24.48 -6.60
CA SER C 12 35.57 25.29 -5.39
C SER C 12 34.22 25.81 -4.95
N GLU C 13 33.17 25.60 -5.74
CA GLU C 13 31.80 25.91 -5.35
C GLU C 13 31.05 24.67 -4.89
N MET C 14 31.77 23.62 -4.49
CA MET C 14 31.18 22.36 -4.05
C MET C 14 31.60 22.05 -2.62
N THR C 15 30.76 21.30 -1.92
CA THR C 15 31.01 20.87 -0.56
C THR C 15 31.25 19.37 -0.51
N ASN C 16 32.24 18.96 0.26
CA ASN C 16 32.44 17.53 0.51
C ASN C 16 31.22 16.95 1.20
N SER C 17 30.76 15.80 0.71
CA SER C 17 29.58 15.15 1.27
C SER C 17 29.90 14.22 2.42
N ARG C 18 31.17 14.10 2.80
CA ARG C 18 31.56 13.27 3.93
C ARG C 18 32.12 14.07 5.09
N PHE C 19 32.35 15.36 4.91
CA PHE C 19 32.82 16.23 5.98
C PHE C 19 32.50 17.66 5.57
N PRO C 20 32.02 18.51 6.49
CA PRO C 20 31.56 19.85 6.08
C PRO C 20 32.70 20.81 5.76
N ILE C 21 33.37 20.58 4.64
CA ILE C 21 34.43 21.45 4.13
C ILE C 21 34.34 21.50 2.61
N PRO C 22 34.86 22.57 2.01
CA PRO C 22 34.78 22.69 0.55
C PRO C 22 35.64 21.67 -0.16
N ILE C 23 35.25 21.36 -1.40
CA ILE C 23 36.07 20.55 -2.29
C ILE C 23 37.28 21.36 -2.73
N GLU C 24 38.42 20.69 -2.84
CA GLU C 24 39.66 21.33 -3.26
C GLU C 24 40.23 20.78 -4.55
N GLN C 25 40.11 19.48 -4.79
CA GLN C 25 40.72 18.85 -5.95
C GLN C 25 39.83 17.75 -6.49
N LEU C 26 40.08 17.37 -7.74
CA LEU C 26 39.62 16.11 -8.30
C LEU C 26 40.79 15.15 -8.33
N TYR C 27 40.53 13.89 -7.97
CA TYR C 27 41.60 12.91 -7.79
C TYR C 27 41.11 11.53 -8.19
N THR C 28 41.92 10.81 -8.97
CA THR C 28 41.62 9.44 -9.35
C THR C 28 42.74 8.52 -8.89
N ALA C 29 42.38 7.28 -8.58
CA ALA C 29 43.34 6.28 -8.12
C ALA C 29 42.69 4.92 -8.20
N PRO C 30 43.47 3.86 -8.35
CA PRO C 30 42.91 2.51 -8.22
C PRO C 30 42.48 2.23 -6.80
N ASN C 31 41.59 1.27 -6.65
CA ASN C 31 41.00 0.88 -5.37
C ASN C 31 41.97 0.14 -4.43
N GLU C 32 43.28 0.08 -4.64
CA GLU C 32 44.03 -1.17 -4.50
C GLU C 32 43.51 -2.16 -3.46
N THR C 33 43.60 -1.80 -2.19
CA THR C 33 43.07 -2.63 -1.11
C THR C 33 41.89 -1.98 -0.42
N ASN C 34 41.48 -0.81 -0.90
CA ASN C 34 40.37 -0.08 -0.30
C ASN C 34 39.04 -0.65 -0.79
N VAL C 35 38.12 -0.85 0.15
CA VAL C 35 36.72 -1.09 -0.18
C VAL C 35 36.03 0.27 -0.12
N VAL C 36 35.64 0.79 -1.28
CA VAL C 36 35.09 2.14 -1.37
C VAL C 36 33.59 2.01 -1.10
N GLN C 37 33.22 2.14 0.16
CA GLN C 37 31.84 1.95 0.60
C GLN C 37 31.45 3.02 1.61
N CYS C 38 31.79 4.28 1.33
CA CYS C 38 31.36 5.36 2.21
C CYS C 38 29.83 5.42 2.23
N GLN C 39 29.29 5.90 3.35
CA GLN C 39 27.84 5.93 3.54
C GLN C 39 27.24 7.32 3.45
N ASN C 40 28.05 8.36 3.57
CA ASN C 40 27.60 9.73 3.32
C ASN C 40 27.91 10.11 1.88
N GLY C 41 27.09 10.99 1.33
CA GLY C 41 27.25 11.36 -0.06
C GLY C 41 26.87 10.27 -1.02
N ARG C 42 25.87 9.46 -0.68
CA ARG C 42 25.41 8.36 -1.52
C ARG C 42 24.00 8.67 -2.00
N CYS C 43 23.83 8.75 -3.31
CA CYS C 43 22.55 9.10 -3.92
C CYS C 43 22.56 8.63 -5.36
N THR C 44 21.47 7.96 -5.77
CA THR C 44 21.35 7.57 -7.16
C THR C 44 21.06 8.78 -8.04
N LEU C 45 21.28 8.61 -9.34
CA LEU C 45 21.07 9.72 -10.27
C LEU C 45 19.60 10.13 -10.34
N ASP C 46 18.67 9.23 -10.00
CA ASP C 46 17.26 9.58 -9.99
C ASP C 46 16.77 10.01 -8.61
N GLY C 47 17.68 10.31 -7.68
CA GLY C 47 17.32 11.00 -6.47
C GLY C 47 17.03 10.16 -5.25
N GLU C 48 17.52 8.93 -5.19
CA GLU C 48 17.30 8.05 -4.04
C GLU C 48 18.49 8.14 -3.11
N LEU C 49 18.30 8.72 -1.93
CA LEU C 49 19.35 8.77 -0.93
C LEU C 49 19.62 7.37 -0.39
N GLN C 50 20.89 7.10 -0.07
CA GLN C 50 21.31 5.79 0.41
C GLN C 50 22.23 5.96 1.61
N GLY C 51 22.47 4.85 2.30
CA GLY C 51 23.38 4.88 3.44
C GLY C 51 22.87 5.79 4.54
N THR C 52 23.78 6.61 5.07
CA THR C 52 23.44 7.60 6.10
C THR C 52 23.30 9.00 5.51
N THR C 53 23.00 9.11 4.22
CA THR C 53 23.06 10.39 3.54
C THR C 53 21.80 11.21 3.80
N GLN C 54 22.01 12.48 4.15
CA GLN C 54 20.94 13.46 4.24
C GLN C 54 21.37 14.71 3.49
N LEU C 55 20.60 15.80 3.61
CA LEU C 55 20.73 16.91 2.68
C LEU C 55 21.60 18.06 3.18
N LEU C 56 21.91 18.12 4.48
CA LEU C 56 22.57 19.29 5.05
C LEU C 56 24.03 18.99 5.33
N SER C 57 24.92 19.79 4.71
CA SER C 57 26.34 19.66 5.02
C SER C 57 26.61 20.00 6.48
N SER C 58 25.81 20.89 7.07
CA SER C 58 25.98 21.26 8.47
C SER C 58 25.50 20.18 9.43
N ALA C 59 24.99 19.05 8.92
CA ALA C 59 24.63 17.92 9.75
C ALA C 59 25.60 16.75 9.62
N ILE C 60 26.57 16.84 8.73
CA ILE C 60 27.55 15.78 8.53
C ILE C 60 28.54 15.79 9.68
N CYS C 61 28.69 14.65 10.35
CA CYS C 61 29.55 14.48 11.52
C CYS C 61 29.14 15.38 12.68
N SER C 62 27.89 15.82 12.68
N SER C 62 27.88 15.80 12.70
CA SER C 62 27.31 16.54 13.80
CA SER C 62 27.31 16.56 13.79
C SER C 62 26.46 15.60 14.64
C SER C 62 26.41 15.67 14.63
N TYR C 63 26.47 15.83 15.95
CA TYR C 63 25.67 15.03 16.86
C TYR C 63 25.02 15.94 17.90
N ARG C 64 23.92 15.46 18.47
CA ARG C 64 23.31 16.16 19.59
C ARG C 64 22.55 15.15 20.44
N GLY C 65 22.30 15.54 21.69
CA GLY C 65 21.62 14.65 22.62
C GLY C 65 21.96 15.06 24.05
N ARG C 66 21.74 14.10 24.95
CA ARG C 66 21.96 14.31 26.38
C ARG C 66 23.23 13.61 26.82
N THR C 67 24.09 14.33 27.54
CA THR C 67 25.30 13.74 28.07
C THR C 67 24.96 12.85 29.26
N LEU C 68 25.77 11.80 29.42
CA LEU C 68 25.60 10.85 30.52
C LEU C 68 26.97 10.50 31.08
N ALA C 69 27.17 10.77 32.36
CA ALA C 69 28.44 10.45 33.00
C ALA C 69 28.74 8.96 32.87
N ASN C 70 29.99 8.64 32.55
CA ASN C 70 30.45 7.28 32.32
C ASN C 70 31.78 7.09 33.02
N ASN C 71 31.93 6.02 33.79
CA ASN C 71 33.16 5.78 34.54
C ASN C 71 34.14 5.03 33.66
N ASP C 72 34.82 5.79 32.80
CA ASP C 72 35.85 5.27 31.92
C ASP C 72 36.90 6.36 31.73
N SER C 73 38.15 5.94 31.58
CA SER C 73 39.22 6.91 31.47
C SER C 73 39.27 7.55 30.08
N TRP C 74 38.78 6.86 29.05
CA TRP C 74 38.69 7.46 27.73
C TRP C 74 37.37 8.18 27.52
N ASP C 75 36.26 7.44 27.58
CA ASP C 75 34.93 8.03 27.38
C ASP C 75 34.35 8.41 28.73
N GLN C 76 34.71 9.61 29.20
CA GLN C 76 34.20 10.08 30.49
C GLN C 76 32.71 10.38 30.45
N ASN C 77 32.15 10.58 29.26
CA ASN C 77 30.73 10.80 29.09
C ASN C 77 30.25 10.07 27.85
N LEU C 78 28.97 9.71 27.85
CA LEU C 78 28.29 9.23 26.66
C LEU C 78 27.35 10.31 26.15
N LEU C 79 27.09 10.28 24.85
CA LEU C 79 26.10 11.17 24.24
C LEU C 79 24.95 10.31 23.75
N GLN C 80 23.82 10.39 24.44
CA GLN C 80 22.63 9.65 24.03
C GLN C 80 21.94 10.45 22.93
N LEU C 81 22.04 9.96 21.69
CA LEU C 81 21.72 10.77 20.53
C LEU C 81 20.23 11.05 20.43
N SER C 82 19.90 12.24 19.96
CA SER C 82 18.53 12.65 19.71
C SER C 82 18.43 13.26 18.32
N TYR C 83 17.23 13.24 17.76
CA TYR C 83 16.97 13.91 16.50
C TYR C 83 17.09 15.42 16.69
N PRO C 84 17.22 16.18 15.58
CA PRO C 84 17.27 17.64 15.70
C PRO C 84 16.10 18.25 16.46
N ASN C 85 14.96 17.55 16.51
CA ASN C 85 13.82 18.06 17.24
C ASN C 85 13.88 17.75 18.74
N GLY C 86 14.69 16.78 19.15
CA GLY C 86 14.88 16.45 20.55
C GLY C 86 14.49 15.04 20.94
N ALA C 87 13.71 14.35 20.12
CA ALA C 87 13.29 12.99 20.45
C ALA C 87 14.46 12.02 20.35
N SER C 88 14.43 10.99 21.18
CA SER C 88 15.49 9.98 21.17
C SER C 88 15.54 9.27 19.83
N TYR C 89 16.74 8.82 19.47
CA TYR C 89 16.92 8.14 18.19
C TYR C 89 16.25 6.78 18.22
N ASP C 90 15.63 6.43 17.08
CA ASP C 90 14.92 5.16 16.95
C ASP C 90 15.79 4.17 16.19
N PRO C 91 16.32 3.13 16.84
CA PRO C 91 17.20 2.19 16.12
C PRO C 91 16.49 1.34 15.08
N THR C 92 15.16 1.40 14.97
CA THR C 92 14.44 0.59 14.00
C THR C 92 14.42 1.20 12.60
N ASP C 93 14.90 2.44 12.44
CA ASP C 93 15.00 3.02 11.11
C ASP C 93 15.88 2.16 10.22
N GLU C 94 15.47 2.03 8.95
CA GLU C 94 16.20 1.22 7.98
C GLU C 94 17.41 1.98 7.43
N VAL C 95 18.31 2.32 8.34
CA VAL C 95 19.56 3.03 8.01
C VAL C 95 20.70 2.39 8.79
N PRO C 96 21.93 2.57 8.32
CA PRO C 96 23.06 2.02 9.09
C PRO C 96 23.24 2.70 10.44
N ALA C 97 22.91 3.97 10.55
CA ALA C 97 23.15 4.80 11.73
C ALA C 97 22.38 6.10 11.55
N PRO C 98 22.30 6.97 12.55
CA PRO C 98 21.69 8.28 12.34
C PRO C 98 22.29 8.98 11.12
N LEU C 99 21.44 9.66 10.37
CA LEU C 99 21.89 10.31 9.15
C LEU C 99 22.96 11.35 9.47
N GLY C 100 24.04 11.33 8.70
CA GLY C 100 25.16 12.21 8.94
C GLY C 100 26.26 11.66 9.80
N THR C 101 26.04 10.49 10.43
CA THR C 101 27.07 9.84 11.23
C THR C 101 28.36 9.69 10.43
N GLN C 102 29.50 9.90 11.10
CA GLN C 102 30.79 9.73 10.45
C GLN C 102 30.90 8.33 9.85
N ASP C 103 31.44 8.25 8.63
CA ASP C 103 31.59 6.98 7.92
C ASP C 103 33.05 6.61 7.69
N PHE C 104 33.94 7.14 8.51
CA PHE C 104 35.36 6.79 8.46
C PHE C 104 35.81 6.30 9.83
N SER C 105 36.82 5.45 9.84
CA SER C 105 37.36 4.89 11.07
CA SER C 105 37.36 4.89 11.07
C SER C 105 38.49 5.77 11.60
N GLY C 106 38.50 5.98 12.90
CA GLY C 106 39.50 6.80 13.55
C GLY C 106 38.85 7.75 14.51
N ILE C 107 39.53 8.86 14.78
CA ILE C 107 39.13 9.84 15.77
C ILE C 107 38.59 11.07 15.07
N LEU C 108 37.36 11.45 15.40
CA LEU C 108 36.75 12.70 14.98
C LEU C 108 36.87 13.70 16.12
N TYR C 109 37.35 14.90 15.81
CA TYR C 109 37.51 15.96 16.79
C TYR C 109 36.50 17.07 16.55
N GLY C 110 35.97 17.61 17.64
CA GLY C 110 35.07 18.74 17.54
C GLY C 110 34.82 19.35 18.90
N VAL C 111 33.82 20.23 18.96
CA VAL C 111 33.53 21.01 20.15
C VAL C 111 32.11 20.71 20.61
N LEU C 112 31.98 20.37 21.88
CA LEU C 112 30.67 20.17 22.49
C LEU C 112 30.24 21.46 23.19
N THR C 113 28.98 21.85 22.98
CA THR C 113 28.37 22.96 23.69
C THR C 113 27.16 22.46 24.46
N GLN C 114 26.88 23.11 25.59
CA GLN C 114 25.94 22.61 26.58
C GLN C 114 25.10 23.79 27.05
N ASP C 115 24.47 23.66 28.23
CA ASP C 115 23.74 24.77 28.84
C ASP C 115 24.62 26.02 28.89
N ASN C 116 24.04 27.15 28.47
CA ASN C 116 24.77 28.41 28.50
C ASN C 116 25.16 28.75 29.94
N VAL C 117 26.32 29.37 30.09
CA VAL C 117 26.86 29.74 31.40
C VAL C 117 26.91 31.25 31.50
N THR C 118 26.98 31.75 32.74
CA THR C 118 27.04 33.18 32.96
C THR C 118 28.35 33.74 32.39
N GLU C 119 28.31 35.04 32.06
CA GLU C 119 29.50 35.70 31.51
C GLU C 119 30.69 35.59 32.45
N GLY C 120 30.45 35.68 33.75
CA GLY C 120 31.53 35.62 34.72
C GLY C 120 32.16 34.25 34.89
N THR C 121 31.56 33.20 34.32
CA THR C 121 32.14 31.86 34.43
C THR C 121 33.50 31.80 33.75
N GLY C 122 33.69 32.54 32.66
CA GLY C 122 34.98 32.60 31.99
C GLY C 122 34.83 32.43 30.48
N GLU C 123 35.95 32.62 29.81
CA GLU C 123 35.98 32.56 28.35
C GLU C 123 35.82 31.12 27.86
N ALA C 124 34.89 30.93 26.91
CA ALA C 124 34.67 29.63 26.25
C ALA C 124 34.42 28.52 27.26
N LYS C 125 33.79 28.84 28.38
CA LYS C 125 33.51 27.84 29.40
C LYS C 125 32.36 26.91 29.03
N ASN C 126 31.57 27.25 28.01
CA ASN C 126 30.57 26.34 27.44
C ASN C 126 31.06 25.73 26.14
N ALA C 127 32.36 25.45 26.05
CA ALA C 127 32.95 24.81 24.88
C ALA C 127 33.93 23.75 25.36
N LYS C 128 33.74 22.51 24.91
CA LYS C 128 34.57 21.40 25.33
C LYS C 128 35.15 20.71 24.11
N GLY C 129 36.47 20.53 24.12
CA GLY C 129 37.14 19.80 23.05
C GLY C 129 36.96 18.30 23.24
N ILE C 130 36.50 17.61 22.19
CA ILE C 130 36.03 16.24 22.30
C ILE C 130 36.70 15.38 21.22
N TYR C 131 37.11 14.17 21.61
CA TYR C 131 37.48 13.10 20.69
C TYR C 131 36.35 12.08 20.64
N ILE C 132 35.86 11.79 19.45
CA ILE C 132 34.88 10.73 19.22
C ILE C 132 35.58 9.66 18.38
N SER C 133 36.00 8.57 19.03
CA SER C 133 36.75 7.52 18.35
C SER C 133 35.83 6.36 18.02
N THR C 134 35.93 5.87 16.78
CA THR C 134 35.13 4.72 16.36
C THR C 134 35.72 3.41 16.88
N THR C 135 36.99 3.38 17.29
CA THR C 135 37.59 2.18 17.84
C THR C 135 37.24 1.97 19.30
N SER C 136 36.61 2.95 19.95
CA SER C 136 36.11 2.76 21.30
C SER C 136 34.87 1.87 21.28
N GLY C 137 34.74 1.03 22.31
CA GLY C 137 33.55 0.21 22.44
C GLY C 137 32.28 0.99 22.64
N LYS C 138 32.37 2.28 22.95
CA LYS C 138 31.19 3.11 23.18
C LYS C 138 30.66 3.74 21.91
N PHE C 139 31.35 3.60 20.78
CA PHE C 139 30.85 4.15 19.52
C PHE C 139 29.80 3.20 18.97
N THR C 140 28.56 3.42 19.36
CA THR C 140 27.42 2.61 18.90
C THR C 140 26.28 3.52 18.46
N PRO C 141 26.49 4.36 17.44
CA PRO C 141 25.44 5.34 17.07
C PRO C 141 24.14 4.69 16.62
N LYS C 142 24.19 3.55 15.94
CA LYS C 142 22.98 2.86 15.54
C LYS C 142 22.11 2.50 16.75
N ILE C 143 22.75 2.19 17.89
CA ILE C 143 22.03 1.90 19.11
C ILE C 143 21.55 3.17 19.80
N GLY C 144 22.12 4.32 19.46
CA GLY C 144 21.70 5.59 20.01
C GLY C 144 22.65 6.21 21.02
N SER C 145 23.93 5.85 21.02
CA SER C 145 24.86 6.37 22.00
C SER C 145 26.28 6.32 21.44
N ILE C 146 27.05 7.38 21.69
CA ILE C 146 28.46 7.42 21.33
C ILE C 146 29.25 7.87 22.55
N GLY C 147 30.54 7.58 22.54
CA GLY C 147 31.43 7.95 23.62
C GLY C 147 32.15 9.26 23.34
N LEU C 148 32.22 10.12 24.35
CA LEU C 148 32.88 11.41 24.26
C LEU C 148 34.11 11.39 25.15
N HIS C 149 35.28 11.65 24.58
CA HIS C 149 36.52 11.78 25.31
C HIS C 149 36.86 13.26 25.46
N SER C 150 36.82 13.75 26.69
CA SER C 150 37.10 15.16 26.96
C SER C 150 38.59 15.45 26.91
N ILE C 151 38.95 16.58 26.31
CA ILE C 151 40.33 17.05 26.25
C ILE C 151 40.49 18.41 26.94
N THR C 152 39.63 19.36 26.59
CA THR C 152 39.61 20.67 27.22
C THR C 152 38.18 20.96 27.67
N GLY C 153 38.04 21.55 28.86
CA GLY C 153 36.74 21.83 29.42
C GLY C 153 36.15 20.67 30.18
N ASP C 154 35.09 20.96 30.95
CA ASP C 154 34.42 19.99 31.80
C ASP C 154 33.04 19.70 31.23
N VAL C 155 32.86 18.48 30.72
CA VAL C 155 31.57 18.06 30.19
C VAL C 155 30.63 17.78 31.36
N HIS C 156 29.49 18.48 31.39
CA HIS C 156 28.52 18.34 32.46
C HIS C 156 27.55 17.21 32.19
N HIS C 157 27.14 16.54 33.26
CA HIS C 157 26.25 15.40 33.16
C HIS C 157 24.80 15.86 32.98
N ASN C 158 24.07 15.14 32.10
CA ASN C 158 22.63 15.32 31.91
C ASN C 158 22.29 16.75 31.46
N GLN C 159 22.95 17.19 30.39
CA GLN C 159 22.62 18.46 29.74
C GLN C 159 22.45 18.22 28.26
N GLN C 160 21.46 18.89 27.67
CA GLN C 160 21.26 18.84 26.22
C GLN C 160 22.46 19.49 25.54
N SER C 161 23.13 18.74 24.67
CA SER C 161 24.43 19.12 24.15
C SER C 161 24.47 18.98 22.64
N ARG C 162 25.30 19.80 22.01
CA ARG C 162 25.55 19.78 20.57
C ARG C 162 27.03 19.57 20.31
N PHE C 163 27.34 18.70 19.36
CA PHE C 163 28.72 18.47 18.92
C PHE C 163 28.89 19.06 17.53
N THR C 164 29.90 19.93 17.37
CA THR C 164 30.22 20.53 16.09
C THR C 164 31.55 19.99 15.60
N PRO C 165 31.62 19.35 14.43
CA PRO C 165 32.89 18.77 13.98
C PRO C 165 33.85 19.84 13.50
N VAL C 166 35.14 19.58 13.74
CA VAL C 166 36.21 20.44 13.28
C VAL C 166 37.21 19.68 12.40
N GLY C 167 37.58 18.47 12.79
CA GLY C 167 38.52 17.72 12.01
C GLY C 167 38.70 16.31 12.54
N ILE C 168 39.82 15.71 12.17
CA ILE C 168 40.15 14.36 12.62
C ILE C 168 41.39 14.40 13.49
N ALA C 169 41.77 13.27 14.06
CA ALA C 169 42.96 13.19 14.89
C ALA C 169 43.53 11.79 14.80
N VAL C 170 44.85 11.71 14.89
CA VAL C 170 45.57 10.44 14.87
C VAL C 170 46.48 10.40 16.09
N ASN C 171 46.23 9.46 16.98
CA ASN C 171 47.12 9.23 18.12
C ASN C 171 47.92 7.94 17.88
N GLU C 172 48.63 7.51 18.92
CA GLU C 172 49.64 6.47 18.76
C GLU C 172 49.05 5.16 18.24
N ASN C 173 47.78 4.86 18.54
CA ASN C 173 47.22 3.56 18.17
C ASN C 173 45.88 3.68 17.44
N THR C 174 45.54 4.84 16.89
CA THR C 174 44.29 5.02 16.16
C THR C 174 44.57 5.74 14.84
N PRO C 175 44.91 4.99 13.78
CA PRO C 175 45.10 5.63 12.47
C PRO C 175 43.77 6.08 11.88
N PHE C 176 43.87 7.01 10.93
CA PHE C 176 42.72 7.55 10.23
C PHE C 176 42.54 6.76 8.94
N LYS C 177 41.46 5.98 8.85
CA LYS C 177 41.18 5.07 7.75
C LYS C 177 39.84 5.46 7.12
N GLN C 178 39.89 6.29 6.09
CA GLN C 178 38.65 6.85 5.55
C GLN C 178 37.82 5.81 4.79
N TRP C 179 38.41 4.68 4.40
CA TRP C 179 37.69 3.66 3.67
C TRP C 179 37.38 2.42 4.50
N VAL C 180 37.63 2.47 5.81
CA VAL C 180 37.21 1.42 6.72
C VAL C 180 35.98 1.93 7.46
N LEU C 181 34.84 1.30 7.19
CA LEU C 181 33.60 1.74 7.82
C LEU C 181 33.64 1.48 9.31
N PRO C 182 33.10 2.38 10.13
CA PRO C 182 32.93 2.08 11.55
C PRO C 182 31.93 0.95 11.73
N HIS C 183 32.01 0.31 12.89
CA HIS C 183 30.98 -0.63 13.33
C HIS C 183 29.92 0.20 14.04
N TYR C 184 28.82 0.48 13.33
CA TYR C 184 27.81 1.40 13.84
C TYR C 184 27.10 0.87 15.09
N SER C 185 27.12 -0.45 15.31
CA SER C 185 26.60 -1.03 16.54
C SER C 185 27.72 -1.55 17.44
N GLY C 186 28.95 -1.11 17.20
CA GLY C 186 30.07 -1.65 17.96
C GLY C 186 30.20 -3.14 17.73
N SER C 187 30.50 -3.86 18.81
CA SER C 187 30.59 -5.31 18.77
C SER C 187 29.24 -5.98 18.97
N LEU C 188 28.17 -5.21 19.17
CA LEU C 188 26.89 -5.78 19.54
C LEU C 188 26.09 -6.28 18.35
N ALA C 189 26.39 -5.80 17.13
CA ALA C 189 25.68 -6.24 15.94
C ALA C 189 26.47 -5.81 14.71
N LEU C 190 26.21 -6.49 13.60
CA LEU C 190 26.86 -6.15 12.34
C LEU C 190 26.18 -4.93 11.71
N ASN C 191 26.89 -4.29 10.80
CA ASN C 191 26.34 -3.15 10.07
C ASN C 191 25.17 -3.61 9.20
N THR C 192 24.19 -2.71 9.04
CA THR C 192 22.99 -2.99 8.27
C THR C 192 22.69 -1.83 7.33
N ASN C 193 21.84 -2.12 6.34
CA ASN C 193 21.29 -1.10 5.44
C ASN C 193 22.36 -0.29 4.72
N LEU C 194 23.50 -0.91 4.42
CA LEU C 194 24.63 -0.20 3.84
C LEU C 194 24.41 0.11 2.37
N ALA C 195 24.84 1.29 1.95
CA ALA C 195 24.99 1.55 0.53
C ALA C 195 26.12 0.68 -0.02
N PRO C 196 26.03 0.20 -1.26
CA PRO C 196 26.99 -0.80 -1.74
C PRO C 196 28.36 -0.19 -2.00
N ALA C 197 29.36 -1.07 -1.96
CA ALA C 197 30.70 -0.68 -2.38
C ALA C 197 30.73 -0.47 -3.89
N VAL C 198 31.57 0.48 -4.33
CA VAL C 198 31.65 0.84 -5.73
C VAL C 198 33.07 0.60 -6.22
N ALA C 199 33.18 0.39 -7.54
CA ALA C 199 34.44 0.10 -8.20
C ALA C 199 34.25 0.22 -9.70
N PRO C 200 35.30 0.52 -10.47
CA PRO C 200 35.16 0.53 -11.93
C PRO C 200 34.85 -0.86 -12.45
N THR C 201 34.27 -0.91 -13.64
CA THR C 201 33.99 -2.17 -14.31
C THR C 201 34.59 -2.25 -15.70
N PHE C 202 34.87 -1.13 -16.34
CA PHE C 202 35.41 -1.00 -17.68
C PHE C 202 36.94 -1.04 -17.65
N PRO C 203 37.56 -1.72 -18.60
CA PRO C 203 39.03 -1.78 -18.64
C PRO C 203 39.65 -0.39 -18.75
N GLY C 204 40.66 -0.15 -17.91
CA GLY C 204 41.38 1.10 -17.93
C GLY C 204 40.72 2.24 -17.17
N GLU C 205 39.62 1.97 -16.48
CA GLU C 205 38.89 3.02 -15.78
C GLU C 205 39.16 2.96 -14.28
N GLN C 206 39.10 4.13 -13.64
CA GLN C 206 39.29 4.27 -12.20
C GLN C 206 38.24 5.21 -11.65
N LEU C 207 37.95 5.06 -10.36
CA LEU C 207 37.05 5.98 -9.69
C LEU C 207 37.64 7.40 -9.69
N LEU C 208 36.76 8.38 -9.79
CA LEU C 208 37.13 9.79 -9.67
C LEU C 208 36.52 10.34 -8.39
N PHE C 209 37.35 10.98 -7.56
CA PHE C 209 36.94 11.46 -6.26
C PHE C 209 36.94 12.98 -6.20
N PHE C 210 36.04 13.51 -5.38
CA PHE C 210 36.05 14.92 -5.00
C PHE C 210 36.79 15.01 -3.67
N ARG C 211 37.95 15.66 -3.68
CA ARG C 211 38.95 15.54 -2.62
C ARG C 211 39.03 16.82 -1.80
N SER C 212 39.04 16.67 -0.48
CA SER C 212 39.29 17.78 0.44
C SER C 212 40.37 17.38 1.43
N ARG C 213 41.01 18.39 2.01
CA ARG C 213 41.93 18.19 3.11
C ARG C 213 41.20 18.51 4.42
N VAL C 214 41.07 17.51 5.27
CA VAL C 214 40.38 17.67 6.55
C VAL C 214 41.40 18.10 7.59
N PRO C 215 41.09 19.08 8.45
CA PRO C 215 42.02 19.48 9.50
C PRO C 215 42.34 18.30 10.40
N CYS C 216 43.59 18.21 10.84
CA CYS C 216 44.06 17.13 11.69
C CYS C 216 44.67 17.74 12.95
N VAL C 217 44.02 17.53 14.10
CA VAL C 217 44.41 18.19 15.33
C VAL C 217 45.45 17.41 16.13
N GLN C 218 45.84 16.22 15.65
CA GLN C 218 46.92 15.47 16.29
C GLN C 218 47.41 14.42 15.30
N GLY C 219 48.73 14.34 15.12
CA GLY C 219 49.31 13.36 14.23
C GLY C 219 49.41 13.84 12.80
N LEU C 220 49.90 12.93 11.95
CA LEU C 220 50.08 13.18 10.52
C LEU C 220 51.00 14.38 10.28
N HIS C 221 52.08 14.45 11.05
CA HIS C 221 53.05 15.51 10.85
C HIS C 221 53.66 15.43 9.46
N GLY C 222 53.72 16.59 8.78
CA GLY C 222 54.23 16.64 7.43
C GLY C 222 53.39 15.93 6.40
N GLN C 223 52.16 15.55 6.74
CA GLN C 223 51.27 14.85 5.83
C GLN C 223 49.90 15.52 5.83
N ASP C 224 49.23 15.47 4.69
CA ASP C 224 47.89 15.99 4.56
C ASP C 224 46.88 14.87 4.79
N ALA C 225 45.84 15.17 5.55
CA ALA C 225 44.74 14.24 5.77
C ALA C 225 43.68 14.49 4.70
N PHE C 226 43.34 13.46 3.94
CA PHE C 226 42.41 13.59 2.82
C PHE C 226 41.10 12.89 3.14
N ILE C 227 40.00 13.54 2.76
CA ILE C 227 38.68 12.95 2.79
C ILE C 227 38.10 13.03 1.39
N ASP C 228 37.81 11.86 0.81
CA ASP C 228 37.41 11.75 -0.59
C ASP C 228 35.97 11.25 -0.67
N CYS C 229 35.14 11.97 -1.42
CA CYS C 229 33.74 11.59 -1.59
C CYS C 229 33.44 11.30 -3.05
N LEU C 230 32.35 10.57 -3.27
CA LEU C 230 31.95 10.15 -4.61
C LEU C 230 31.12 11.20 -5.32
N LEU C 231 30.37 12.01 -4.58
CA LEU C 231 29.54 13.07 -5.12
C LEU C 231 29.62 14.26 -4.18
N PRO C 232 29.70 15.48 -4.70
CA PRO C 232 29.57 16.66 -3.84
C PRO C 232 28.16 16.73 -3.27
N GLN C 233 28.04 17.36 -2.11
CA GLN C 233 26.74 17.48 -1.47
C GLN C 233 25.72 18.16 -2.38
N GLU C 234 26.19 19.13 -3.19
CA GLU C 234 25.28 19.85 -4.07
C GLU C 234 24.70 18.94 -5.15
N TRP C 235 25.45 17.93 -5.59
CA TRP C 235 24.91 17.00 -6.57
C TRP C 235 23.87 16.08 -5.92
N VAL C 236 24.16 15.60 -4.70
CA VAL C 236 23.19 14.81 -3.95
C VAL C 236 21.87 15.57 -3.85
N ASN C 237 21.94 16.83 -3.42
CA ASN C 237 20.73 17.62 -3.24
C ASN C 237 20.02 17.89 -4.56
N HIS C 238 20.79 18.06 -5.64
CA HIS C 238 20.18 18.32 -6.94
C HIS C 238 19.43 17.10 -7.46
N PHE C 239 20.06 15.92 -7.38
CA PHE C 239 19.38 14.70 -7.81
C PHE C 239 18.14 14.43 -6.97
N TYR C 240 18.22 14.69 -5.67
CA TYR C 240 17.06 14.52 -4.79
C TYR C 240 15.92 15.43 -5.22
N GLN C 241 16.22 16.69 -5.56
CA GLN C 241 15.19 17.62 -5.98
C GLN C 241 14.57 17.21 -7.32
N GLU C 242 15.43 16.88 -8.29
CA GLU C 242 14.95 16.68 -9.66
C GLU C 242 14.27 15.33 -9.82
N ALA C 243 14.87 14.27 -9.28
CA ALA C 243 14.36 12.91 -9.43
C ALA C 243 14.11 12.57 -10.90
N ALA C 244 15.04 12.97 -11.75
CA ALA C 244 14.90 12.68 -13.18
C ALA C 244 15.15 11.20 -13.45
N PRO C 245 14.32 10.55 -14.25
CA PRO C 245 14.52 9.12 -14.50
C PRO C 245 15.86 8.87 -15.21
N SER C 246 16.54 7.81 -14.78
CA SER C 246 17.79 7.41 -15.42
C SER C 246 17.48 6.58 -16.65
N GLN C 247 17.86 7.10 -17.82
CA GLN C 247 17.51 6.43 -19.07
C GLN C 247 18.39 5.21 -19.33
N THR C 248 19.65 5.26 -18.90
CA THR C 248 20.53 4.09 -18.95
C THR C 248 21.26 3.95 -17.61
N ASP C 249 22.23 3.05 -17.54
CA ASP C 249 23.02 2.88 -16.33
C ASP C 249 24.20 3.84 -16.23
N VAL C 250 24.51 4.58 -17.30
CA VAL C 250 25.67 5.47 -17.33
C VAL C 250 25.29 6.78 -18.00
N ALA C 251 25.56 7.89 -17.31
CA ALA C 251 25.42 9.23 -17.88
C ALA C 251 26.79 9.74 -18.28
N LEU C 252 26.97 10.03 -19.56
CA LEU C 252 28.22 10.62 -20.03
C LEU C 252 28.26 12.10 -19.64
N ILE C 253 29.33 12.50 -18.95
CA ILE C 253 29.50 13.89 -18.56
C ILE C 253 30.85 14.37 -19.09
N ARG C 254 30.93 15.68 -19.33
CA ARG C 254 32.13 16.30 -19.86
C ARG C 254 32.54 17.45 -18.93
N PHE C 255 33.83 17.48 -18.58
CA PHE C 255 34.39 18.61 -17.86
C PHE C 255 34.88 19.63 -18.89
N VAL C 256 34.29 20.82 -18.87
CA VAL C 256 34.51 21.79 -19.94
C VAL C 256 35.03 23.09 -19.35
N ASN C 257 35.71 23.85 -20.21
CA ASN C 257 36.04 25.24 -19.91
C ASN C 257 34.88 26.10 -20.37
N PRO C 258 34.19 26.81 -19.47
CA PRO C 258 32.99 27.56 -19.89
C PRO C 258 33.27 28.67 -20.89
N ASP C 259 34.52 29.11 -21.03
CA ASP C 259 34.84 30.13 -22.01
C ASP C 259 34.79 29.58 -23.43
N THR C 260 35.39 28.41 -23.63
CA THR C 260 35.34 27.70 -24.91
C THR C 260 34.85 26.29 -24.64
N GLY C 261 33.76 25.89 -25.29
CA GLY C 261 33.08 24.65 -24.94
C GLY C 261 33.89 23.39 -25.16
N ARG C 262 35.20 23.57 -25.37
CA ARG C 262 36.11 22.44 -25.48
C ARG C 262 36.05 21.57 -24.23
N THR C 263 36.09 20.26 -24.44
CA THR C 263 36.11 19.29 -23.35
C THR C 263 37.55 19.08 -22.90
N LEU C 264 37.78 19.20 -21.59
CA LEU C 264 39.10 18.87 -21.05
C LEU C 264 39.24 17.37 -20.85
N PHE C 265 38.20 16.73 -20.32
CA PHE C 265 38.14 15.27 -20.23
C PHE C 265 36.68 14.88 -20.07
N GLU C 266 36.39 13.61 -20.36
CA GLU C 266 35.06 13.08 -20.19
C GLU C 266 35.08 11.98 -19.14
N ALA C 267 33.90 11.70 -18.58
CA ALA C 267 33.79 10.76 -17.48
C ALA C 267 32.42 10.10 -17.53
N LYS C 268 32.32 8.95 -16.85
CA LYS C 268 31.07 8.21 -16.73
C LYS C 268 30.47 8.47 -15.36
N LEU C 269 29.24 8.96 -15.34
CA LEU C 269 28.48 9.14 -14.10
C LEU C 269 27.50 7.98 -14.00
N HIS C 270 27.77 7.07 -13.07
CA HIS C 270 27.02 5.82 -13.00
C HIS C 270 25.72 6.02 -12.23
N ARG C 271 24.73 5.18 -12.56
CA ARG C 271 23.38 5.34 -12.02
C ARG C 271 23.37 5.31 -10.51
N SER C 272 24.21 4.50 -9.89
CA SER C 272 24.23 4.40 -8.43
C SER C 272 24.94 5.58 -7.76
N GLY C 273 25.48 6.52 -8.54
CA GLY C 273 26.04 7.73 -7.95
C GLY C 273 27.54 7.76 -7.72
N PHE C 274 28.33 7.48 -8.74
CA PHE C 274 29.77 7.65 -8.68
C PHE C 274 30.31 7.88 -10.08
N ILE C 275 31.58 8.27 -10.16
CA ILE C 275 32.20 8.69 -11.42
C ILE C 275 33.43 7.83 -11.69
N THR C 276 33.62 7.48 -12.95
CA THR C 276 34.86 6.84 -13.39
C THR C 276 35.44 7.61 -14.56
N VAL C 277 36.78 7.56 -14.68
CA VAL C 277 37.52 8.17 -15.77
C VAL C 277 38.50 7.13 -16.32
N SER C 278 38.97 7.37 -17.54
CA SER C 278 39.94 6.49 -18.18
C SER C 278 41.34 6.96 -17.80
N HIS C 279 41.97 6.28 -16.85
CA HIS C 279 43.30 6.63 -16.38
C HIS C 279 43.83 5.48 -15.54
N THR C 280 45.15 5.35 -15.52
CA THR C 280 45.84 4.31 -14.74
C THR C 280 46.84 4.97 -13.81
N GLY C 281 46.63 4.86 -12.51
CA GLY C 281 47.55 5.36 -11.51
C GLY C 281 46.96 6.49 -10.69
N ASN C 282 47.70 6.83 -9.64
CA ASN C 282 47.32 7.95 -8.79
C ASN C 282 47.53 9.26 -9.54
N TYR C 283 46.51 10.11 -9.57
CA TYR C 283 46.61 11.33 -10.35
C TYR C 283 45.74 12.45 -9.79
N PRO C 284 46.35 13.46 -9.16
CA PRO C 284 45.60 14.70 -8.87
C PRO C 284 45.41 15.51 -10.14
N LEU C 285 44.15 15.76 -10.48
CA LEU C 285 43.85 16.40 -11.76
C LEU C 285 44.31 17.86 -11.77
N VAL C 286 44.88 18.27 -12.89
CA VAL C 286 45.27 19.66 -13.12
C VAL C 286 44.21 20.29 -13.99
N ILE C 287 43.41 21.19 -13.41
CA ILE C 287 42.25 21.75 -14.10
C ILE C 287 42.13 23.23 -13.77
N PRO C 288 41.63 24.01 -14.72
CA PRO C 288 41.42 25.43 -14.46
C PRO C 288 40.33 25.63 -13.42
N PRO C 289 40.41 26.69 -12.60
CA PRO C 289 39.43 26.88 -11.53
C PRO C 289 38.03 27.19 -12.04
N ASN C 290 37.87 27.57 -13.30
CA ASN C 290 36.55 27.93 -13.83
C ASN C 290 35.83 26.77 -14.51
N GLY C 291 36.49 25.61 -14.65
CA GLY C 291 35.86 24.49 -15.32
C GLY C 291 34.73 23.89 -14.49
N HIS C 292 33.85 23.17 -15.19
CA HIS C 292 32.73 22.52 -14.53
C HIS C 292 32.24 21.36 -15.41
N PHE C 293 31.54 20.43 -14.77
CA PHE C 293 30.96 19.30 -15.48
C PHE C 293 29.65 19.71 -16.14
N ARG C 294 29.39 19.12 -17.31
CA ARG C 294 28.12 19.24 -18.00
C ARG C 294 27.61 17.85 -18.33
N PHE C 295 26.31 17.63 -18.15
CA PHE C 295 25.71 16.38 -18.59
C PHE C 295 25.64 16.36 -20.12
N ASP C 296 26.14 15.29 -20.72
CA ASP C 296 26.17 15.18 -22.17
C ASP C 296 25.03 14.34 -22.73
N SER C 297 24.93 13.08 -22.30
CA SER C 297 23.95 12.15 -22.84
C SER C 297 24.00 10.86 -22.04
N TRP C 298 22.96 10.04 -22.22
CA TRP C 298 22.94 8.69 -21.68
C TRP C 298 23.60 7.74 -22.67
N VAL C 299 24.51 6.89 -22.18
CA VAL C 299 25.25 5.99 -23.05
C VAL C 299 25.00 4.55 -22.60
N ASN C 300 25.17 3.63 -23.55
CA ASN C 300 24.96 2.21 -23.29
C ASN C 300 26.21 1.61 -22.65
N GLN C 301 26.23 0.28 -22.53
CA GLN C 301 27.32 -0.42 -21.86
C GLN C 301 28.61 -0.44 -22.67
N PHE C 302 28.56 -0.13 -23.97
CA PHE C 302 29.72 -0.25 -24.83
C PHE C 302 30.55 1.02 -24.92
N TYR C 303 30.09 2.12 -24.36
CA TYR C 303 30.78 3.40 -24.53
C TYR C 303 32.15 3.36 -23.85
N SER C 304 33.19 3.73 -24.59
CA SER C 304 34.55 3.80 -24.08
C SER C 304 34.97 5.26 -23.99
N LEU C 305 35.55 5.63 -22.85
CA LEU C 305 35.93 7.02 -22.62
C LEU C 305 37.24 7.35 -23.32
N ALA C 306 37.39 8.62 -23.67
CA ALA C 306 38.69 9.11 -24.13
C ALA C 306 39.66 9.13 -22.95
N PRO C 307 40.89 8.63 -23.11
CA PRO C 307 41.84 8.66 -22.00
C PRO C 307 42.13 10.08 -21.55
N MET C 308 42.42 10.21 -20.26
CA MET C 308 42.77 11.51 -19.68
C MET C 308 43.94 11.38 -18.73
N THR D 1 9.48 2.23 4.66
CA THR D 1 9.06 1.33 3.58
C THR D 1 7.57 1.03 3.66
N LYS D 2 6.81 1.55 2.68
CA LYS D 2 5.40 1.25 2.59
C LYS D 2 5.19 -0.22 2.25
N SER D 3 4.24 -0.86 2.91
CA SER D 3 3.99 -2.28 2.73
C SER D 3 3.20 -2.53 1.45
N PHE D 4 3.58 -3.58 0.73
CA PHE D 4 2.88 -3.99 -0.48
C PHE D 4 1.56 -4.67 -0.13
N THR D 5 0.50 -4.30 -0.84
CA THR D 5 -0.82 -4.88 -0.61
C THR D 5 -1.50 -5.15 -1.95
N LEU D 6 -2.51 -6.02 -1.91
CA LEU D 6 -3.39 -6.32 -3.03
C LEU D 6 -4.81 -5.87 -2.72
N PRO D 7 -5.60 -5.48 -3.72
CA PRO D 7 -7.03 -5.24 -3.49
C PRO D 7 -7.73 -6.53 -3.09
N ILE D 8 -8.88 -6.37 -2.42
CA ILE D 8 -9.56 -7.48 -1.76
C ILE D 8 -10.65 -8.01 -2.70
N LEU D 9 -10.68 -7.48 -3.93
CA LEU D 9 -11.75 -7.79 -4.86
C LEU D 9 -11.79 -9.26 -5.24
N THR D 10 -13.02 -9.80 -5.35
CA THR D 10 -13.22 -11.11 -5.95
C THR D 10 -13.02 -11.00 -7.46
N ILE D 11 -12.92 -12.16 -8.12
CA ILE D 11 -12.60 -12.13 -9.55
C ILE D 11 -13.74 -11.50 -10.35
N SER D 12 -14.99 -11.69 -9.93
CA SER D 12 -16.10 -11.07 -10.62
C SER D 12 -16.22 -9.57 -10.31
N GLU D 13 -15.43 -9.06 -9.38
CA GLU D 13 -15.36 -7.63 -9.08
C GLU D 13 -14.17 -6.96 -9.75
N MET D 14 -13.65 -7.54 -10.83
CA MET D 14 -12.48 -6.98 -11.48
C MET D 14 -12.66 -6.97 -12.99
N THR D 15 -11.89 -6.10 -13.64
CA THR D 15 -12.03 -5.81 -15.06
C THR D 15 -10.81 -6.31 -15.82
N ASN D 16 -11.04 -6.86 -17.01
CA ASN D 16 -9.94 -7.21 -17.89
C ASN D 16 -9.17 -5.95 -18.27
N SER D 17 -7.85 -6.05 -18.23
CA SER D 17 -7.00 -4.90 -18.53
C SER D 17 -6.64 -4.80 -20.01
N ARG D 18 -7.13 -5.73 -20.84
CA ARG D 18 -6.86 -5.72 -22.27
C ARG D 18 -8.13 -5.49 -23.10
N PHE D 19 -9.29 -5.42 -22.46
CA PHE D 19 -10.57 -5.17 -23.12
C PHE D 19 -11.57 -4.80 -22.05
N PRO D 20 -12.46 -3.83 -22.29
CA PRO D 20 -13.36 -3.33 -21.22
C PRO D 20 -14.52 -4.28 -20.93
N ILE D 21 -14.21 -5.42 -20.34
CA ILE D 21 -15.20 -6.41 -19.93
C ILE D 21 -14.76 -7.03 -18.61
N PRO D 22 -15.71 -7.53 -17.83
CA PRO D 22 -15.35 -8.14 -16.53
C PRO D 22 -14.53 -9.40 -16.68
N ILE D 23 -13.69 -9.65 -15.68
CA ILE D 23 -13.04 -10.95 -15.55
C ILE D 23 -14.10 -12.00 -15.23
N GLU D 24 -13.97 -13.18 -15.86
CA GLU D 24 -14.89 -14.27 -15.61
C GLU D 24 -14.26 -15.49 -14.97
N GLN D 25 -12.94 -15.68 -15.11
CA GLN D 25 -12.33 -16.96 -14.78
C GLN D 25 -10.86 -16.76 -14.48
N LEU D 26 -10.33 -17.57 -13.58
CA LEU D 26 -8.89 -17.76 -13.46
C LEU D 26 -8.52 -18.99 -14.28
N TYR D 27 -7.52 -18.87 -15.14
CA TYR D 27 -7.19 -19.91 -16.09
C TYR D 27 -5.68 -19.96 -16.24
N THR D 28 -5.10 -21.14 -16.06
CA THR D 28 -3.67 -21.33 -16.24
C THR D 28 -3.43 -22.24 -17.44
N ALA D 29 -2.38 -21.93 -18.20
CA ALA D 29 -2.06 -22.67 -19.41
C ALA D 29 -0.58 -22.49 -19.70
N PRO D 30 0.06 -23.45 -20.37
CA PRO D 30 1.43 -23.24 -20.82
C PRO D 30 1.47 -22.28 -22.00
N ASN D 31 2.68 -21.78 -22.27
CA ASN D 31 2.92 -20.69 -23.22
C ASN D 31 2.97 -21.14 -24.68
N GLU D 32 2.48 -22.33 -25.03
CA GLU D 32 3.25 -23.27 -25.83
C GLU D 32 4.19 -22.63 -26.86
N THR D 33 3.67 -22.04 -27.94
CA THR D 33 4.52 -21.30 -28.86
C THR D 33 4.19 -19.81 -28.87
N ASN D 34 3.26 -19.40 -28.02
CA ASN D 34 2.91 -17.99 -27.90
C ASN D 34 4.04 -17.24 -27.21
N VAL D 35 4.29 -16.02 -27.68
CA VAL D 35 5.12 -15.05 -26.98
C VAL D 35 4.16 -14.15 -26.22
N VAL D 36 4.11 -14.31 -24.90
CA VAL D 36 3.16 -13.57 -24.06
C VAL D 36 3.74 -12.18 -23.80
N GLN D 37 3.37 -11.22 -24.63
CA GLN D 37 3.94 -9.88 -24.57
C GLN D 37 2.87 -8.82 -24.79
N CYS D 38 1.71 -8.98 -24.14
CA CYS D 38 0.67 -7.97 -24.25
C CYS D 38 1.17 -6.63 -23.72
N GLN D 39 0.57 -5.55 -24.20
CA GLN D 39 1.02 -4.20 -23.88
C GLN D 39 0.04 -3.43 -23.00
N ASN D 40 -1.22 -3.84 -22.96
CA ASN D 40 -2.16 -3.30 -21.99
C ASN D 40 -2.17 -4.18 -20.75
N GLY D 41 -2.48 -3.57 -19.60
CA GLY D 41 -2.44 -4.29 -18.35
C GLY D 41 -1.06 -4.68 -17.90
N ARG D 42 -0.06 -3.84 -18.16
CA ARG D 42 1.31 -4.09 -17.77
C ARG D 42 1.72 -3.06 -16.74
N CYS D 43 2.10 -3.52 -15.55
CA CYS D 43 2.46 -2.64 -14.46
C CYS D 43 3.35 -3.40 -13.49
N THR D 44 4.47 -2.80 -13.09
CA THR D 44 5.30 -3.42 -12.09
C THR D 44 4.62 -3.37 -10.72
N LEU D 45 5.09 -4.22 -9.81
CA LEU D 45 4.50 -4.27 -8.48
C LEU D 45 4.72 -2.97 -7.70
N ASP D 46 5.71 -2.17 -8.06
CA ASP D 46 5.92 -0.88 -7.42
C ASP D 46 5.29 0.27 -8.20
N GLY D 47 4.41 -0.02 -9.15
CA GLY D 47 3.53 0.98 -9.72
C GLY D 47 4.02 1.68 -10.97
N GLU D 48 4.89 1.08 -11.76
CA GLU D 48 5.36 1.67 -13.00
C GLU D 48 4.56 1.09 -14.16
N LEU D 49 3.74 1.93 -14.79
CA LEU D 49 3.00 1.51 -15.98
C LEU D 49 3.96 1.26 -17.13
N GLN D 50 3.64 0.26 -17.96
CA GLN D 50 4.50 -0.10 -19.08
C GLN D 50 3.64 -0.33 -20.31
N GLY D 51 4.31 -0.38 -21.47
CA GLY D 51 3.60 -0.62 -22.71
C GLY D 51 2.65 0.51 -23.04
N THR D 52 1.42 0.16 -23.42
CA THR D 52 0.37 1.11 -23.73
C THR D 52 -0.63 1.25 -22.58
N THR D 53 -0.22 0.91 -21.36
CA THR D 53 -1.16 0.79 -20.25
C THR D 53 -1.48 2.15 -19.67
N GLN D 54 -2.78 2.41 -19.47
CA GLN D 54 -3.25 3.57 -18.73
C GLN D 54 -4.29 3.11 -17.71
N LEU D 55 -4.98 4.05 -17.06
CA LEU D 55 -5.76 3.73 -15.86
C LEU D 55 -7.22 3.41 -16.11
N LEU D 56 -7.80 3.85 -17.23
CA LEU D 56 -9.24 3.77 -17.44
C LEU D 56 -9.59 2.59 -18.33
N SER D 57 -10.43 1.68 -17.83
CA SER D 57 -10.91 0.59 -18.66
C SER D 57 -11.73 1.12 -19.83
N SER D 58 -12.42 2.25 -19.65
CA SER D 58 -13.22 2.85 -20.71
C SER D 58 -12.36 3.46 -21.81
N ALA D 59 -11.04 3.46 -21.67
CA ALA D 59 -10.14 3.92 -22.73
C ALA D 59 -9.46 2.78 -23.46
N ILE D 60 -9.64 1.54 -23.01
CA ILE D 60 -8.99 0.39 -23.65
C ILE D 60 -9.74 0.06 -24.94
N CYS D 61 -8.99 -0.01 -26.04
CA CYS D 61 -9.53 -0.25 -27.38
C CYS D 61 -10.54 0.83 -27.79
N SER D 62 -10.44 2.01 -27.19
CA SER D 62 -11.21 3.17 -27.58
C SER D 62 -10.33 4.12 -28.37
N TYR D 63 -10.91 4.73 -29.41
CA TYR D 63 -10.19 5.69 -30.24
C TYR D 63 -11.06 6.91 -30.48
N ARG D 64 -10.41 8.05 -30.73
CA ARG D 64 -11.14 9.25 -31.12
C ARG D 64 -10.23 10.09 -32.02
N GLY D 65 -10.88 10.95 -32.80
CA GLY D 65 -10.14 11.80 -33.72
C GLY D 65 -11.05 12.28 -34.83
N ARG D 66 -10.43 12.66 -35.94
CA ARG D 66 -11.13 13.22 -37.09
C ARG D 66 -11.08 12.22 -38.24
N THR D 67 -12.24 11.98 -38.86
CA THR D 67 -12.30 11.07 -40.00
C THR D 67 -11.79 11.73 -41.26
N LEU D 68 -11.16 10.93 -42.11
CA LEU D 68 -10.62 11.40 -43.39
C LEU D 68 -10.96 10.36 -44.44
N ALA D 69 -11.68 10.77 -45.48
CA ALA D 69 -12.08 9.86 -46.53
C ALA D 69 -10.86 9.21 -47.18
N ASN D 70 -10.98 7.94 -47.52
CA ASN D 70 -9.87 7.16 -48.04
C ASN D 70 -10.35 6.31 -49.21
N ASN D 71 -9.60 6.34 -50.31
CA ASN D 71 -9.97 5.61 -51.52
C ASN D 71 -9.46 4.17 -51.40
N ASP D 72 -10.20 3.37 -50.65
CA ASP D 72 -9.88 1.96 -50.46
C ASP D 72 -11.17 1.19 -50.27
N SER D 73 -11.19 -0.05 -50.79
CA SER D 73 -12.38 -0.87 -50.67
C SER D 73 -12.61 -1.34 -49.25
N TRP D 74 -11.55 -1.55 -48.47
CA TRP D 74 -11.70 -1.98 -47.09
C TRP D 74 -11.81 -0.79 -46.13
N ASP D 75 -10.78 0.05 -46.08
CA ASP D 75 -10.77 1.22 -45.20
C ASP D 75 -11.30 2.41 -45.99
N GLN D 76 -12.62 2.59 -45.96
CA GLN D 76 -13.23 3.72 -46.65
C GLN D 76 -12.91 5.05 -45.98
N ASN D 77 -12.44 5.02 -44.73
CA ASN D 77 -12.04 6.21 -44.01
C ASN D 77 -10.85 5.88 -43.12
N LEU D 78 -10.06 6.90 -42.83
CA LEU D 78 -9.03 6.85 -41.81
C LEU D 78 -9.47 7.67 -40.61
N LEU D 79 -8.93 7.33 -39.45
CA LEU D 79 -9.17 8.09 -38.22
C LEU D 79 -7.86 8.71 -37.79
N GLN D 80 -7.75 10.03 -37.93
CA GLN D 80 -6.58 10.76 -37.44
C GLN D 80 -6.70 10.89 -35.93
N LEU D 81 -5.91 10.11 -35.20
CA LEU D 81 -6.09 9.97 -33.76
C LEU D 81 -5.75 11.25 -33.01
N SER D 82 -6.53 11.55 -31.98
CA SER D 82 -6.31 12.71 -31.13
C SER D 82 -6.43 12.30 -29.67
N TYR D 83 -5.68 13.00 -28.81
CA TYR D 83 -5.79 12.79 -27.39
C TYR D 83 -7.21 13.10 -26.91
N PRO D 84 -7.60 12.60 -25.73
CA PRO D 84 -8.94 12.91 -25.22
C PRO D 84 -9.24 14.40 -25.13
N ASN D 85 -8.22 15.25 -24.96
CA ASN D 85 -8.45 16.69 -24.94
C ASN D 85 -8.68 17.27 -26.32
N GLY D 86 -8.30 16.57 -27.38
CA GLY D 86 -8.52 17.01 -28.74
C GLY D 86 -7.27 17.30 -29.53
N ALA D 87 -6.11 17.42 -28.89
CA ALA D 87 -4.87 17.69 -29.61
C ALA D 87 -4.43 16.46 -30.39
N SER D 88 -3.71 16.71 -31.48
CA SER D 88 -3.19 15.62 -32.31
C SER D 88 -2.22 14.76 -31.52
N TYR D 89 -2.22 13.47 -31.83
CA TYR D 89 -1.30 12.55 -31.17
C TYR D 89 0.14 12.85 -31.56
N ASP D 90 1.06 12.62 -30.62
CA ASP D 90 2.47 12.89 -30.83
C ASP D 90 3.24 11.58 -30.96
N PRO D 91 3.70 11.21 -32.16
CA PRO D 91 4.43 9.95 -32.33
C PRO D 91 5.77 9.90 -31.60
N THR D 92 6.27 11.03 -31.08
CA THR D 92 7.55 11.02 -30.38
C THR D 92 7.43 10.59 -28.92
N ASP D 93 6.22 10.35 -28.42
CA ASP D 93 6.07 9.82 -27.07
C ASP D 93 6.75 8.46 -26.96
N GLU D 94 7.35 8.20 -25.80
CA GLU D 94 8.10 6.97 -25.58
C GLU D 94 7.17 5.82 -25.21
N VAL D 95 6.26 5.52 -26.14
CA VAL D 95 5.28 4.44 -25.99
C VAL D 95 5.14 3.71 -27.31
N PRO D 96 4.68 2.45 -27.28
CA PRO D 96 4.49 1.72 -28.53
C PRO D 96 3.42 2.33 -29.42
N ALA D 97 2.42 2.97 -28.84
CA ALA D 97 1.25 3.45 -29.53
C ALA D 97 0.46 4.31 -28.55
N PRO D 98 -0.60 5.02 -28.97
CA PRO D 98 -1.44 5.72 -28.00
C PRO D 98 -1.90 4.76 -26.91
N LEU D 99 -1.94 5.26 -25.67
CA LEU D 99 -2.31 4.42 -24.55
C LEU D 99 -3.72 3.87 -24.76
N GLY D 100 -3.88 2.58 -24.48
CA GLY D 100 -5.15 1.91 -24.71
C GLY D 100 -5.32 1.29 -26.09
N THR D 101 -4.36 1.47 -26.99
CA THR D 101 -4.43 0.85 -28.31
C THR D 101 -4.53 -0.66 -28.17
N GLN D 102 -5.33 -1.28 -29.05
CA GLN D 102 -5.48 -2.73 -29.05
C GLN D 102 -4.10 -3.40 -29.18
N ASP D 103 -3.88 -4.44 -28.39
CA ASP D 103 -2.59 -5.13 -28.39
C ASP D 103 -2.70 -6.57 -28.90
N PHE D 104 -3.76 -6.88 -29.64
CA PHE D 104 -3.95 -8.20 -30.23
C PHE D 104 -4.08 -8.04 -31.74
N SER D 105 -3.71 -9.11 -32.46
CA SER D 105 -3.78 -9.11 -33.91
CA SER D 105 -3.78 -9.12 -33.92
C SER D 105 -5.13 -9.64 -34.37
N GLY D 106 -5.70 -8.97 -35.38
CA GLY D 106 -6.99 -9.36 -35.91
C GLY D 106 -7.93 -8.17 -36.07
N ILE D 107 -9.23 -8.43 -36.00
CA ILE D 107 -10.24 -7.41 -36.26
C ILE D 107 -10.92 -7.03 -34.96
N LEU D 108 -10.89 -5.74 -34.64
CA LEU D 108 -11.65 -5.18 -33.54
C LEU D 108 -12.94 -4.57 -34.09
N TYR D 109 -14.07 -4.91 -33.49
CA TYR D 109 -15.36 -4.36 -33.90
C TYR D 109 -15.89 -3.39 -32.85
N GLY D 110 -16.53 -2.33 -33.32
CA GLY D 110 -17.15 -1.38 -32.43
C GLY D 110 -18.03 -0.43 -33.20
N VAL D 111 -18.44 0.64 -32.52
CA VAL D 111 -19.38 1.61 -33.07
C VAL D 111 -18.73 2.98 -33.09
N LEU D 112 -18.78 3.63 -34.25
CA LEU D 112 -18.31 5.00 -34.40
C LEU D 112 -19.50 5.95 -34.26
N THR D 113 -19.31 7.01 -33.47
CA THR D 113 -20.29 8.09 -33.37
C THR D 113 -19.64 9.40 -33.77
N GLN D 114 -20.45 10.27 -34.38
CA GLN D 114 -19.96 11.47 -35.05
C GLN D 114 -20.88 12.62 -34.66
N ASP D 115 -20.86 13.70 -35.45
CA ASP D 115 -21.76 14.82 -35.23
C ASP D 115 -23.20 14.34 -35.05
N ASN D 116 -23.87 14.87 -34.03
CA ASN D 116 -25.27 14.50 -33.78
C ASN D 116 -26.13 14.88 -34.98
N VAL D 117 -27.12 14.04 -35.27
CA VAL D 117 -28.02 14.25 -36.39
C VAL D 117 -29.41 14.54 -35.86
N THR D 118 -30.24 15.14 -36.72
CA THR D 118 -31.60 15.45 -36.32
C THR D 118 -32.40 14.17 -36.08
N GLU D 119 -33.49 14.31 -35.31
CA GLU D 119 -34.32 13.15 -34.99
C GLU D 119 -34.89 12.53 -36.26
N GLY D 120 -35.27 13.35 -37.23
CA GLY D 120 -35.85 12.85 -38.46
C GLY D 120 -34.90 12.08 -39.34
N THR D 121 -33.58 12.16 -39.09
CA THR D 121 -32.62 11.44 -39.91
C THR D 121 -32.84 9.93 -39.82
N GLY D 122 -33.28 9.43 -38.68
CA GLY D 122 -33.60 8.02 -38.52
C GLY D 122 -32.94 7.43 -37.29
N GLU D 123 -33.37 6.20 -36.98
CA GLU D 123 -32.91 5.51 -35.79
C GLU D 123 -31.44 5.13 -35.91
N ALA D 124 -30.65 5.50 -34.90
CA ALA D 124 -29.22 5.14 -34.81
C ALA D 124 -28.45 5.60 -36.04
N LYS D 125 -28.84 6.73 -36.64
CA LYS D 125 -28.15 7.21 -37.83
C LYS D 125 -26.80 7.83 -37.51
N ASN D 126 -26.54 8.16 -36.24
CA ASN D 126 -25.22 8.58 -35.80
C ASN D 126 -24.45 7.44 -35.14
N ALA D 127 -24.66 6.21 -35.62
CA ALA D 127 -23.94 5.04 -35.16
C ALA D 127 -23.51 4.22 -36.37
N LYS D 128 -22.22 3.94 -36.47
CA LYS D 128 -21.67 3.20 -37.59
C LYS D 128 -20.89 1.99 -37.09
N GLY D 129 -21.23 0.81 -37.58
CA GLY D 129 -20.49 -0.39 -37.23
C GLY D 129 -19.19 -0.47 -38.01
N ILE D 130 -18.09 -0.68 -37.29
CA ILE D 130 -16.74 -0.51 -37.84
C ILE D 130 -15.89 -1.73 -37.53
N TYR D 131 -15.13 -2.17 -38.54
CA TYR D 131 -14.04 -3.12 -38.35
C TYR D 131 -12.71 -2.35 -38.35
N ILE D 132 -11.92 -2.53 -37.30
CA ILE D 132 -10.56 -1.99 -37.24
C ILE D 132 -9.62 -3.19 -37.27
N SER D 133 -9.01 -3.44 -38.43
CA SER D 133 -8.15 -4.60 -38.61
C SER D 133 -6.68 -4.21 -38.52
N THR D 134 -5.91 -4.99 -37.75
CA THR D 134 -4.48 -4.75 -37.64
C THR D 134 -3.70 -5.28 -38.84
N THR D 135 -4.31 -6.14 -39.65
CA THR D 135 -3.66 -6.63 -40.87
C THR D 135 -3.84 -5.68 -42.05
N SER D 136 -4.62 -4.62 -41.87
CA SER D 136 -4.71 -3.58 -42.89
C SER D 136 -3.43 -2.75 -42.90
N GLY D 137 -3.02 -2.32 -44.09
CA GLY D 137 -1.87 -1.43 -44.18
C GLY D 137 -2.09 -0.08 -43.53
N LYS D 138 -3.33 0.28 -43.24
CA LYS D 138 -3.66 1.57 -42.65
C LYS D 138 -3.68 1.54 -41.12
N PHE D 139 -3.40 0.40 -40.50
CA PHE D 139 -3.33 0.36 -39.04
C PHE D 139 -1.94 0.81 -38.61
N THR D 140 -1.80 2.11 -38.38
CA THR D 140 -0.54 2.71 -37.93
C THR D 140 -0.79 3.66 -36.77
N PRO D 141 -1.29 3.15 -35.64
CA PRO D 141 -1.62 4.05 -34.52
C PRO D 141 -0.43 4.82 -33.98
N LYS D 142 0.77 4.22 -33.98
CA LYS D 142 1.95 4.93 -33.51
C LYS D 142 2.20 6.19 -34.34
N ILE D 143 1.93 6.11 -35.65
CA ILE D 143 2.06 7.29 -36.52
C ILE D 143 0.88 8.22 -36.40
N GLY D 144 -0.21 7.78 -35.78
CA GLY D 144 -1.35 8.62 -35.51
C GLY D 144 -2.58 8.41 -36.39
N SER D 145 -2.70 7.28 -37.07
CA SER D 145 -3.81 7.06 -37.98
C SER D 145 -4.13 5.57 -38.05
N ILE D 146 -5.42 5.25 -38.13
CA ILE D 146 -5.88 3.88 -38.28
C ILE D 146 -6.98 3.86 -39.34
N GLY D 147 -7.20 2.68 -39.89
CA GLY D 147 -8.19 2.49 -40.94
C GLY D 147 -9.51 1.98 -40.38
N LEU D 148 -10.61 2.54 -40.89
CA LEU D 148 -11.96 2.17 -40.48
C LEU D 148 -12.67 1.52 -41.64
N HIS D 149 -13.12 0.28 -41.46
CA HIS D 149 -13.93 -0.43 -42.45
C HIS D 149 -15.38 -0.39 -42.00
N SER D 150 -16.22 0.33 -42.76
CA SER D 150 -17.62 0.48 -42.41
C SER D 150 -18.42 -0.76 -42.80
N ILE D 151 -19.37 -1.14 -41.94
CA ILE D 151 -20.27 -2.25 -42.18
C ILE D 151 -21.73 -1.79 -42.22
N THR D 152 -22.14 -1.03 -41.20
CA THR D 152 -23.47 -0.42 -41.15
C THR D 152 -23.30 1.07 -40.92
N GLY D 153 -24.12 1.86 -41.62
CA GLY D 153 -24.07 3.30 -41.50
C GLY D 153 -23.06 3.93 -42.45
N ASP D 154 -23.17 5.24 -42.59
CA ASP D 154 -22.32 6.02 -43.47
C ASP D 154 -21.39 6.89 -42.63
N VAL D 155 -20.09 6.65 -42.75
CA VAL D 155 -19.09 7.41 -42.01
C VAL D 155 -18.82 8.71 -42.75
N HIS D 156 -19.04 9.84 -42.07
CA HIS D 156 -18.88 11.14 -42.69
C HIS D 156 -17.43 11.60 -42.63
N HIS D 157 -17.02 12.33 -43.66
CA HIS D 157 -15.66 12.85 -43.76
C HIS D 157 -15.50 14.11 -42.92
N ASN D 158 -14.34 14.23 -42.28
CA ASN D 158 -13.95 15.45 -41.55
C ASN D 158 -14.95 15.79 -40.44
N GLN D 159 -15.23 14.80 -39.59
CA GLN D 159 -16.04 15.01 -38.39
C GLN D 159 -15.33 14.41 -37.19
N GLN D 160 -15.39 15.10 -36.06
CA GLN D 160 -14.82 14.57 -34.82
C GLN D 160 -15.61 13.33 -34.42
N SER D 161 -14.91 12.21 -34.25
CA SER D 161 -15.55 10.92 -34.11
C SER D 161 -14.96 10.16 -32.93
N ARG D 162 -15.80 9.34 -32.30
CA ARG D 162 -15.40 8.48 -31.20
C ARG D 162 -15.73 7.04 -31.54
N PHE D 163 -14.81 6.13 -31.24
CA PHE D 163 -14.98 4.70 -31.45
C PHE D 163 -15.15 4.01 -30.11
N THR D 164 -16.27 3.30 -29.94
CA THR D 164 -16.55 2.52 -28.73
C THR D 164 -16.39 1.05 -29.05
N PRO D 165 -15.49 0.32 -28.40
CA PRO D 165 -15.30 -1.10 -28.74
C PRO D 165 -16.43 -1.97 -28.22
N VAL D 166 -16.73 -3.03 -28.97
CA VAL D 166 -17.74 -4.01 -28.61
C VAL D 166 -17.16 -5.41 -28.53
N GLY D 167 -16.34 -5.80 -29.50
CA GLY D 167 -15.77 -7.12 -29.49
C GLY D 167 -14.75 -7.27 -30.58
N ILE D 168 -14.49 -8.53 -30.94
CA ILE D 168 -13.58 -8.87 -32.03
C ILE D 168 -14.37 -9.55 -33.13
N ALA D 169 -13.69 -9.81 -34.25
CA ALA D 169 -14.31 -10.48 -35.38
C ALA D 169 -13.27 -11.31 -36.09
N VAL D 170 -13.71 -12.44 -36.65
CA VAL D 170 -12.87 -13.32 -37.44
C VAL D 170 -13.56 -13.55 -38.78
N ASN D 171 -12.92 -13.11 -39.86
CA ASN D 171 -13.43 -13.40 -41.19
C ASN D 171 -12.54 -14.46 -41.85
N GLU D 172 -12.78 -14.70 -43.14
CA GLU D 172 -12.19 -15.86 -43.81
C GLU D 172 -10.67 -15.86 -43.80
N ASN D 173 -10.01 -14.71 -43.66
CA ASN D 173 -8.57 -14.67 -43.74
C ASN D 173 -7.91 -13.84 -42.62
N THR D 174 -8.64 -13.53 -41.55
CA THR D 174 -8.09 -12.76 -40.44
C THR D 174 -8.42 -13.44 -39.12
N PRO D 175 -7.58 -14.39 -38.69
CA PRO D 175 -7.80 -15.02 -37.39
C PRO D 175 -7.52 -14.06 -36.24
N PHE D 176 -8.10 -14.38 -35.09
CA PHE D 176 -7.91 -13.60 -33.87
C PHE D 176 -6.74 -14.21 -33.10
N LYS D 177 -5.65 -13.46 -32.98
CA LYS D 177 -4.42 -13.93 -32.36
C LYS D 177 -4.08 -12.98 -31.22
N GLN D 178 -4.50 -13.35 -30.00
CA GLN D 178 -4.38 -12.43 -28.88
C GLN D 178 -2.94 -12.26 -28.40
N TRP D 179 -2.02 -13.14 -28.80
CA TRP D 179 -0.63 -13.04 -28.38
C TRP D 179 0.31 -12.60 -29.49
N VAL D 180 -0.23 -12.22 -30.64
CA VAL D 180 0.58 -11.65 -31.73
C VAL D 180 0.37 -10.15 -31.70
N LEU D 181 1.44 -9.42 -31.39
CA LEU D 181 1.34 -7.97 -31.27
C LEU D 181 1.08 -7.34 -32.64
N PRO D 182 0.26 -6.31 -32.71
CA PRO D 182 0.13 -5.55 -33.95
C PRO D 182 1.44 -4.84 -34.28
N HIS D 183 1.60 -4.49 -35.55
CA HIS D 183 2.68 -3.60 -35.97
C HIS D 183 2.13 -2.19 -35.84
N TYR D 184 2.54 -1.50 -34.76
CA TYR D 184 1.94 -0.22 -34.43
C TYR D 184 2.27 0.87 -35.45
N SER D 185 3.36 0.71 -36.22
CA SER D 185 3.68 1.62 -37.30
C SER D 185 3.48 0.99 -38.67
N GLY D 186 2.75 -0.13 -38.73
CA GLY D 186 2.65 -0.84 -39.99
C GLY D 186 4.01 -1.36 -40.40
N SER D 187 4.23 -1.41 -41.71
CA SER D 187 5.50 -1.86 -42.26
C SER D 187 6.54 -0.74 -42.34
N LEU D 188 6.21 0.47 -41.90
CA LEU D 188 7.14 1.59 -42.04
C LEU D 188 8.24 1.56 -40.98
N ALA D 189 7.96 1.00 -39.81
CA ALA D 189 8.95 0.96 -38.73
C ALA D 189 8.63 -0.19 -37.81
N LEU D 190 9.64 -0.62 -37.05
CA LEU D 190 9.45 -1.67 -36.07
C LEU D 190 8.80 -1.13 -34.81
N ASN D 191 8.22 -2.04 -34.03
CA ASN D 191 7.62 -1.66 -32.75
C ASN D 191 8.69 -1.12 -31.80
N THR D 192 8.26 -0.20 -30.92
CA THR D 192 9.16 0.46 -29.98
C THR D 192 8.56 0.44 -28.59
N ASN D 193 9.43 0.61 -27.58
CA ASN D 193 9.02 0.86 -26.20
C ASN D 193 8.12 -0.24 -25.63
N LEU D 194 8.34 -1.48 -26.04
CA LEU D 194 7.46 -2.57 -25.65
C LEU D 194 7.72 -3.01 -24.21
N ALA D 195 6.65 -3.33 -23.50
CA ALA D 195 6.79 -4.07 -22.25
C ALA D 195 7.33 -5.47 -22.56
N PRO D 196 8.17 -6.03 -21.70
CA PRO D 196 8.84 -7.29 -22.04
C PRO D 196 7.88 -8.46 -22.09
N ALA D 197 8.31 -9.51 -22.78
CA ALA D 197 7.58 -10.77 -22.77
C ALA D 197 7.77 -11.46 -21.43
N VAL D 198 6.78 -12.28 -21.05
CA VAL D 198 6.81 -12.97 -19.77
C VAL D 198 6.64 -14.46 -20.01
N ALA D 199 7.22 -15.26 -19.12
CA ALA D 199 7.17 -16.71 -19.25
C ALA D 199 7.54 -17.32 -17.91
N PRO D 200 7.00 -18.49 -17.58
CA PRO D 200 7.47 -19.20 -16.38
C PRO D 200 8.87 -19.74 -16.62
N THR D 201 9.72 -19.59 -15.60
CA THR D 201 11.09 -20.08 -15.66
C THR D 201 11.31 -21.35 -14.86
N PHE D 202 10.53 -21.56 -13.82
CA PHE D 202 10.66 -22.69 -12.91
C PHE D 202 9.86 -23.87 -13.43
N PRO D 203 10.47 -25.04 -13.57
CA PRO D 203 9.73 -26.22 -14.06
C PRO D 203 8.50 -26.51 -13.21
N GLY D 204 7.43 -26.90 -13.89
CA GLY D 204 6.16 -27.18 -13.23
C GLY D 204 5.27 -25.97 -13.05
N GLU D 205 5.75 -24.78 -13.40
CA GLU D 205 4.97 -23.56 -13.25
C GLU D 205 4.41 -23.11 -14.60
N GLN D 206 3.21 -22.52 -14.54
CA GLN D 206 2.55 -21.93 -15.69
C GLN D 206 2.03 -20.56 -15.30
N LEU D 207 1.86 -19.69 -16.30
CA LEU D 207 1.21 -18.41 -16.06
C LEU D 207 -0.23 -18.63 -15.61
N LEU D 208 -0.70 -17.79 -14.70
CA LEU D 208 -2.10 -17.74 -14.32
C LEU D 208 -2.70 -16.48 -14.95
N PHE D 209 -3.75 -16.67 -15.75
CA PHE D 209 -4.37 -15.59 -16.48
C PHE D 209 -5.70 -15.20 -15.85
N PHE D 210 -6.03 -13.91 -15.97
CA PHE D 210 -7.37 -13.42 -15.68
C PHE D 210 -8.14 -13.42 -16.99
N ARG D 211 -9.08 -14.35 -17.13
CA ARG D 211 -9.67 -14.69 -18.41
C ARG D 211 -11.07 -14.10 -18.56
N SER D 212 -11.34 -13.54 -19.73
CA SER D 212 -12.67 -13.06 -20.10
C SER D 212 -13.05 -13.62 -21.46
N ARG D 213 -14.36 -13.77 -21.67
CA ARG D 213 -14.88 -14.10 -22.99
C ARG D 213 -15.25 -12.81 -23.69
N VAL D 214 -14.57 -12.52 -24.80
CA VAL D 214 -14.82 -11.29 -25.56
C VAL D 214 -15.88 -11.60 -26.61
N PRO D 215 -16.87 -10.73 -26.81
CA PRO D 215 -17.86 -10.97 -27.87
C PRO D 215 -17.19 -11.06 -29.23
N CYS D 216 -17.69 -11.98 -30.05
CA CYS D 216 -17.17 -12.18 -31.40
C CYS D 216 -18.32 -12.00 -32.38
N VAL D 217 -18.27 -10.93 -33.19
CA VAL D 217 -19.39 -10.57 -34.05
C VAL D 217 -19.33 -11.27 -35.40
N GLN D 218 -18.28 -12.04 -35.69
CA GLN D 218 -18.22 -12.84 -36.90
C GLN D 218 -17.19 -13.94 -36.70
N GLY D 219 -17.55 -15.18 -37.04
CA GLY D 219 -16.62 -16.29 -36.93
C GLY D 219 -16.62 -16.93 -35.56
N LEU D 220 -15.74 -17.93 -35.43
CA LEU D 220 -15.56 -18.69 -34.19
C LEU D 220 -16.87 -19.35 -33.75
N HIS D 221 -17.59 -19.93 -34.71
CA HIS D 221 -18.83 -20.64 -34.38
C HIS D 221 -18.56 -21.76 -33.39
N GLY D 222 -19.47 -21.92 -32.44
CA GLY D 222 -19.40 -23.01 -31.48
C GLY D 222 -18.25 -22.94 -30.50
N GLN D 223 -17.67 -21.77 -30.30
CA GLN D 223 -16.58 -21.65 -29.33
C GLN D 223 -16.48 -20.20 -28.86
N ASP D 224 -16.04 -20.04 -27.62
CA ASP D 224 -15.88 -18.72 -27.03
C ASP D 224 -14.53 -18.13 -27.43
N ALA D 225 -14.53 -16.83 -27.76
CA ALA D 225 -13.29 -16.09 -27.94
C ALA D 225 -12.80 -15.59 -26.59
N PHE D 226 -11.51 -15.75 -26.34
CA PHE D 226 -10.91 -15.44 -25.05
C PHE D 226 -9.88 -14.32 -25.16
N ILE D 227 -9.90 -13.42 -24.18
CA ILE D 227 -8.85 -12.44 -23.99
C ILE D 227 -8.33 -12.61 -22.56
N ASP D 228 -7.05 -12.95 -22.44
CA ASP D 228 -6.41 -13.24 -21.16
C ASP D 228 -5.45 -12.12 -20.82
N CYS D 229 -5.55 -11.58 -19.60
CA CYS D 229 -4.63 -10.55 -19.16
C CYS D 229 -3.81 -11.04 -17.97
N LEU D 230 -2.68 -10.36 -17.74
CA LEU D 230 -1.76 -10.74 -16.68
C LEU D 230 -2.13 -10.14 -15.34
N LEU D 231 -2.74 -8.97 -15.33
CA LEU D 231 -3.20 -8.28 -14.13
C LEU D 231 -4.56 -7.69 -14.44
N PRO D 232 -5.51 -7.78 -13.51
CA PRO D 232 -6.77 -7.03 -13.67
C PRO D 232 -6.49 -5.54 -13.60
N GLN D 233 -7.35 -4.76 -14.26
CA GLN D 233 -7.15 -3.31 -14.28
C GLN D 233 -7.09 -2.74 -12.88
N GLU D 234 -7.86 -3.31 -11.94
CA GLU D 234 -7.89 -2.79 -10.59
C GLU D 234 -6.56 -3.01 -9.87
N TRP D 235 -5.83 -4.07 -10.20
CA TRP D 235 -4.51 -4.26 -9.63
C TRP D 235 -3.52 -3.26 -10.19
N VAL D 236 -3.57 -3.02 -11.51
CA VAL D 236 -2.73 -2.00 -12.13
C VAL D 236 -2.93 -0.66 -11.43
N ASN D 237 -4.19 -0.26 -11.26
CA ASN D 237 -4.48 1.03 -10.65
C ASN D 237 -4.07 1.06 -9.18
N HIS D 238 -4.20 -0.07 -8.48
CA HIS D 238 -3.79 -0.13 -7.08
C HIS D 238 -2.28 0.05 -6.94
N PHE D 239 -1.50 -0.67 -7.76
CA PHE D 239 -0.05 -0.55 -7.68
C PHE D 239 0.39 0.86 -8.04
N TYR D 240 -0.29 1.48 -9.01
CA TYR D 240 0.03 2.85 -9.40
C TYR D 240 -0.19 3.82 -8.23
N GLN D 241 -1.29 3.65 -7.50
CA GLN D 241 -1.58 4.52 -6.38
C GLN D 241 -0.61 4.29 -5.22
N GLU D 242 -0.30 3.03 -4.92
CA GLU D 242 0.46 2.69 -3.72
C GLU D 242 1.95 2.90 -3.93
N ALA D 243 2.49 2.40 -5.04
CA ALA D 243 3.92 2.50 -5.34
C ALA D 243 4.77 1.94 -4.21
N ALA D 244 4.34 0.79 -3.67
CA ALA D 244 5.10 0.16 -2.59
C ALA D 244 6.36 -0.47 -3.15
N PRO D 245 7.52 -0.25 -2.53
CA PRO D 245 8.77 -0.84 -3.05
C PRO D 245 8.72 -2.35 -3.01
N SER D 246 9.27 -2.98 -4.05
CA SER D 246 9.36 -4.43 -4.13
C SER D 246 10.62 -4.89 -3.42
N GLN D 247 10.46 -5.72 -2.38
CA GLN D 247 11.60 -6.13 -1.57
C GLN D 247 12.41 -7.24 -2.24
N THR D 248 11.74 -8.15 -2.94
CA THR D 248 12.43 -9.16 -3.75
C THR D 248 11.82 -9.20 -5.14
N ASP D 249 12.23 -10.18 -5.95
CA ASP D 249 11.69 -10.31 -7.30
C ASP D 249 10.33 -11.00 -7.35
N VAL D 250 9.91 -11.65 -6.26
CA VAL D 250 8.68 -12.43 -6.25
C VAL D 250 7.94 -12.20 -4.96
N ALA D 251 6.65 -11.89 -5.06
CA ALA D 251 5.75 -11.82 -3.91
C ALA D 251 4.93 -13.10 -3.87
N LEU D 252 5.02 -13.83 -2.76
CA LEU D 252 4.15 -14.98 -2.56
C LEU D 252 2.75 -14.49 -2.17
N ILE D 253 1.74 -14.95 -2.88
CA ILE D 253 0.36 -14.57 -2.61
C ILE D 253 -0.46 -15.83 -2.42
N ARG D 254 -1.56 -15.70 -1.67
CA ARG D 254 -2.44 -16.82 -1.37
C ARG D 254 -3.86 -16.47 -1.75
N PHE D 255 -4.53 -17.38 -2.45
CA PHE D 255 -5.96 -17.26 -2.72
C PHE D 255 -6.70 -17.92 -1.57
N VAL D 256 -7.52 -17.14 -0.86
CA VAL D 256 -8.08 -17.56 0.42
C VAL D 256 -9.59 -17.47 0.40
N ASN D 257 -10.20 -18.23 1.30
CA ASN D 257 -11.59 -18.02 1.73
C ASN D 257 -11.56 -16.89 2.74
N PRO D 258 -12.14 -15.73 2.44
CA PRO D 258 -12.04 -14.58 3.36
C PRO D 258 -12.72 -14.81 4.69
N ASP D 259 -13.69 -15.73 4.77
CA ASP D 259 -14.39 -15.95 6.04
C ASP D 259 -13.50 -16.66 7.05
N THR D 260 -12.68 -17.61 6.58
CA THR D 260 -11.87 -18.43 7.45
C THR D 260 -10.37 -18.15 7.34
N GLY D 261 -9.94 -17.44 6.30
CA GLY D 261 -8.52 -17.28 6.05
C GLY D 261 -7.82 -18.51 5.51
N ARG D 262 -8.56 -19.59 5.25
CA ARG D 262 -7.95 -20.82 4.77
C ARG D 262 -7.46 -20.64 3.34
N THR D 263 -6.25 -21.17 3.07
CA THR D 263 -5.65 -21.03 1.75
C THR D 263 -6.18 -22.11 0.81
N LEU D 264 -6.67 -21.69 -0.35
CA LEU D 264 -7.09 -22.61 -1.38
C LEU D 264 -5.93 -23.00 -2.30
N PHE D 265 -5.11 -22.03 -2.70
CA PHE D 265 -3.87 -22.30 -3.41
C PHE D 265 -2.97 -21.09 -3.25
N GLU D 266 -1.68 -21.28 -3.54
CA GLU D 266 -0.71 -20.19 -3.50
C GLU D 266 -0.14 -19.96 -4.90
N ALA D 267 0.44 -18.78 -5.08
CA ALA D 267 0.94 -18.38 -6.38
C ALA D 267 2.10 -17.41 -6.21
N LYS D 268 2.87 -17.24 -7.28
CA LYS D 268 3.98 -16.31 -7.33
C LYS D 268 3.56 -15.07 -8.10
N LEU D 269 3.65 -13.90 -7.46
CA LEU D 269 3.41 -12.63 -8.12
C LEU D 269 4.77 -11.97 -8.40
N HIS D 270 5.16 -11.95 -9.67
CA HIS D 270 6.49 -11.49 -10.05
C HIS D 270 6.53 -9.97 -10.16
N ARG D 271 7.72 -9.41 -9.90
CA ARG D 271 7.85 -7.97 -9.76
C ARG D 271 7.49 -7.23 -11.05
N SER D 272 7.64 -7.87 -12.20
CA SER D 272 7.29 -7.22 -13.45
C SER D 272 5.79 -7.25 -13.74
N GLY D 273 5.00 -7.90 -12.89
CA GLY D 273 3.55 -7.85 -13.02
C GLY D 273 2.87 -9.02 -13.70
N PHE D 274 3.16 -10.24 -13.24
CA PHE D 274 2.44 -11.42 -13.72
C PHE D 274 2.50 -12.50 -12.65
N ILE D 275 1.64 -13.52 -12.81
CA ILE D 275 1.46 -14.56 -11.81
C ILE D 275 1.81 -15.91 -12.43
N THR D 276 2.46 -16.77 -11.64
CA THR D 276 2.63 -18.18 -11.99
C THR D 276 2.09 -19.07 -10.87
N VAL D 277 1.62 -20.24 -11.25
CA VAL D 277 1.13 -21.26 -10.33
C VAL D 277 1.78 -22.59 -10.68
N SER D 278 1.71 -23.53 -9.73
CA SER D 278 2.25 -24.87 -9.94
C SER D 278 1.13 -25.77 -10.46
N HIS D 279 1.10 -25.97 -11.77
CA HIS D 279 0.12 -26.84 -12.41
C HIS D 279 0.63 -27.18 -13.80
N THR D 280 0.27 -28.37 -14.29
CA THR D 280 0.65 -28.82 -15.63
C THR D 280 -0.60 -29.11 -16.43
N GLY D 281 -0.81 -28.33 -17.50
CA GLY D 281 -1.94 -28.51 -18.38
C GLY D 281 -2.88 -27.33 -18.39
N ASN D 282 -3.72 -27.23 -19.42
CA ASN D 282 -4.76 -26.22 -19.43
C ASN D 282 -5.71 -26.45 -18.27
N TYR D 283 -6.08 -25.39 -17.57
CA TYR D 283 -6.86 -25.57 -16.35
C TYR D 283 -7.71 -24.36 -16.02
N PRO D 284 -9.02 -24.43 -16.21
CA PRO D 284 -9.92 -23.40 -15.66
C PRO D 284 -10.15 -23.68 -14.19
N LEU D 285 -9.74 -22.74 -13.34
CA LEU D 285 -9.81 -22.95 -11.91
C LEU D 285 -11.25 -22.99 -11.43
N VAL D 286 -11.52 -23.87 -10.46
CA VAL D 286 -12.82 -23.96 -9.80
C VAL D 286 -12.66 -23.34 -8.42
N ILE D 287 -13.27 -22.17 -8.22
CA ILE D 287 -13.04 -21.39 -7.00
C ILE D 287 -14.36 -20.83 -6.51
N PRO D 288 -14.47 -20.65 -5.19
CA PRO D 288 -15.68 -20.04 -4.64
C PRO D 288 -15.77 -18.58 -5.06
N PRO D 289 -16.99 -18.07 -5.27
CA PRO D 289 -17.13 -16.69 -5.76
C PRO D 289 -16.61 -15.64 -4.80
N ASN D 290 -16.47 -15.95 -3.51
CA ASN D 290 -16.02 -14.96 -2.54
C ASN D 290 -14.51 -14.97 -2.32
N GLY D 291 -13.77 -15.86 -2.98
CA GLY D 291 -12.34 -15.94 -2.78
C GLY D 291 -11.60 -14.74 -3.34
N HIS D 292 -10.45 -14.45 -2.76
CA HIS D 292 -9.60 -13.38 -3.28
C HIS D 292 -8.16 -13.64 -2.87
N PHE D 293 -7.24 -12.96 -3.56
CA PHE D 293 -5.82 -13.10 -3.30
C PHE D 293 -5.40 -12.25 -2.11
N ARG D 294 -4.37 -12.70 -1.41
CA ARG D 294 -3.82 -12.02 -0.25
C ARG D 294 -2.31 -12.10 -0.31
N PHE D 295 -1.65 -10.95 -0.14
CA PHE D 295 -0.19 -10.93 -0.11
C PHE D 295 0.31 -11.64 1.15
N ASP D 296 1.27 -12.55 0.97
CA ASP D 296 1.82 -13.31 2.10
C ASP D 296 3.18 -12.77 2.52
N SER D 297 4.16 -12.76 1.62
CA SER D 297 5.52 -12.40 1.95
C SER D 297 6.34 -12.31 0.67
N TRP D 298 7.55 -11.77 0.80
CA TRP D 298 8.49 -11.67 -0.31
C TRP D 298 9.41 -12.88 -0.31
N VAL D 299 9.53 -13.54 -1.46
CA VAL D 299 10.32 -14.77 -1.59
C VAL D 299 11.24 -14.67 -2.80
N ASN D 300 11.93 -15.76 -3.10
CA ASN D 300 12.88 -15.85 -4.19
C ASN D 300 12.20 -16.39 -5.45
N GLN D 301 12.83 -16.16 -6.61
CA GLN D 301 12.24 -16.51 -7.89
C GLN D 301 12.12 -18.02 -8.11
N PHE D 302 12.78 -18.83 -7.28
CA PHE D 302 12.75 -20.29 -7.38
C PHE D 302 12.11 -20.92 -6.15
N TYR D 303 11.31 -20.15 -5.42
CA TYR D 303 10.45 -20.72 -4.38
C TYR D 303 9.60 -21.84 -4.95
N SER D 304 9.48 -22.94 -4.20
CA SER D 304 8.75 -24.10 -4.65
CA SER D 304 8.75 -24.10 -4.65
C SER D 304 7.30 -23.99 -4.18
N LEU D 305 6.39 -23.70 -5.11
CA LEU D 305 4.98 -23.57 -4.77
C LEU D 305 4.36 -24.93 -4.51
N ALA D 306 3.35 -24.94 -3.65
CA ALA D 306 2.54 -26.13 -3.46
C ALA D 306 1.72 -26.38 -4.72
N PRO D 307 1.68 -27.61 -5.23
CA PRO D 307 0.89 -27.88 -6.43
C PRO D 307 -0.58 -27.54 -6.24
N MET D 308 -1.20 -27.02 -7.30
CA MET D 308 -2.63 -26.71 -7.26
C MET D 308 -3.32 -27.28 -8.49
#